data_9C9V
#
_entry.id   9C9V
#
_cell.length_a   151.944
_cell.length_b   87.919
_cell.length_c   108.503
_cell.angle_alpha   90
_cell.angle_beta   102.748
_cell.angle_gamma   90
#
_symmetry.space_group_name_H-M   'C 1 2 1'
#
loop_
_entity.id
_entity.type
_entity.pdbx_description
1 polymer 'Capsid protein'
2 non-polymer "N'-(3-chloro-4-fluorophenyl)-N-(2-methylpropyl)-N-[(1R)-1-(1-oxo-1,2-dihydroisoquinolin-4-yl)ethyl]urea"
#
_entity_poly.entity_id   1
_entity_poly.type   'polypeptide(L)'
_entity_poly.pdbx_seq_one_letter_code
;MGSMDIDPYKEFGATVELLSFLPSDFFPSVRDLLDTAAALYRDALESPEHCSPHHTALRQAILCWGDLMTLATWVGTNLE
DPASRDLVVSYVNTNVGLKFRQLLWFHISCLTFGRETVLEYLVSFGVWIRTPPAARPPNAPILSTLPETTVVKLENLYFQ
GHHHHHH
;
_entity_poly.pdbx_strand_id   A,B,C,D,E,F
#
# COMPACT_ATOMS: atom_id res chain seq x y z
N SER A 3 9.98 -2.40 -4.94
CA SER A 3 10.99 -1.88 -3.98
C SER A 3 10.68 -2.32 -2.56
N MET A 4 11.59 -1.96 -1.64
CA MET A 4 11.44 -2.22 -0.22
C MET A 4 10.92 -0.96 0.43
N ASP A 5 10.30 -1.08 1.61
CA ASP A 5 9.80 0.08 2.33
C ASP A 5 10.27 0.02 3.78
N ILE A 6 11.47 0.57 4.02
CA ILE A 6 12.18 0.51 5.29
C ILE A 6 12.01 1.83 6.03
N ASP A 7 11.71 1.75 7.34
CA ASP A 7 11.66 2.96 8.14
C ASP A 7 12.81 2.95 9.13
N PRO A 8 13.78 3.88 8.98
CA PRO A 8 14.93 3.95 9.89
C PRO A 8 14.56 3.90 11.36
N TYR A 9 13.40 4.51 11.72
CA TYR A 9 12.95 4.70 13.09
C TYR A 9 12.15 3.49 13.60
N LYS A 10 11.60 2.68 12.69
CA LYS A 10 10.70 1.57 13.02
C LYS A 10 11.20 0.72 14.18
N GLU A 11 12.42 0.18 14.09
CA GLU A 11 12.94 -0.72 15.11
C GLU A 11 13.24 0.02 16.42
N PHE A 12 13.15 1.36 16.37
CA PHE A 12 13.41 2.21 17.52
C PHE A 12 12.08 2.74 18.09
N GLY A 13 10.96 2.13 17.67
CA GLY A 13 9.66 2.48 18.21
C GLY A 13 9.20 3.89 17.84
N ALA A 14 9.62 4.40 16.67
CA ALA A 14 9.10 5.62 16.10
C ALA A 14 8.98 5.47 14.58
N THR A 15 8.70 6.55 13.85
CA THR A 15 8.38 6.47 12.44
C THR A 15 8.82 7.75 11.79
N VAL A 16 8.91 7.74 10.47
CA VAL A 16 9.26 8.96 9.76
C VAL A 16 8.15 9.99 9.99
N GLU A 17 6.89 9.52 9.98
CA GLU A 17 5.77 10.42 10.17
C GLU A 17 6.03 11.24 11.44
N LEU A 18 6.27 10.54 12.57
CA LEU A 18 6.31 11.15 13.90
C LEU A 18 7.40 12.23 14.00
N LEU A 19 8.61 11.94 13.53
CA LEU A 19 9.69 12.90 13.48
C LEU A 19 9.39 14.06 12.53
N SER A 20 8.46 13.90 11.58
CA SER A 20 8.11 15.04 10.74
C SER A 20 7.12 15.94 11.47
N PHE A 21 6.70 15.48 12.66
CA PHE A 21 5.77 16.22 13.48
C PHE A 21 6.47 17.47 14.04
N LEU A 22 7.75 17.32 14.39
CA LEU A 22 8.52 18.45 14.87
C LEU A 22 8.85 19.33 13.67
N PRO A 23 8.75 20.67 13.75
CA PRO A 23 9.11 21.55 12.61
C PRO A 23 10.57 21.45 12.22
N SER A 24 10.89 21.84 10.99
CA SER A 24 12.22 21.66 10.43
C SER A 24 13.26 22.58 11.09
N ASP A 25 12.81 23.64 11.76
CA ASP A 25 13.72 24.58 12.41
C ASP A 25 13.98 24.23 13.88
N PHE A 26 13.40 23.13 14.39
CA PHE A 26 13.60 22.74 15.78
C PHE A 26 14.94 22.00 15.92
N PHE A 27 15.37 21.35 14.84
CA PHE A 27 16.52 20.46 14.90
C PHE A 27 17.79 21.32 14.87
N PRO A 28 18.82 21.00 15.70
CA PRO A 28 20.17 21.56 15.50
C PRO A 28 20.70 21.35 14.10
N SER A 29 21.79 22.03 13.75
CA SER A 29 22.41 21.86 12.44
C SER A 29 23.15 20.52 12.41
N VAL A 30 23.54 20.09 11.21
CA VAL A 30 24.25 18.82 11.07
C VAL A 30 25.60 18.97 11.79
N ARG A 31 26.29 20.09 11.49
CA ARG A 31 27.57 20.41 12.11
C ARG A 31 27.47 20.24 13.62
N ASP A 32 26.45 20.87 14.22
CA ASP A 32 26.30 20.89 15.67
C ASP A 32 25.99 19.49 16.19
N LEU A 33 25.25 18.71 15.40
CA LEU A 33 24.82 17.36 15.79
C LEU A 33 25.99 16.39 15.76
N LEU A 34 26.86 16.52 14.75
CA LEU A 34 28.08 15.72 14.63
C LEU A 34 29.03 16.05 15.79
N ASP A 35 29.15 17.36 16.09
CA ASP A 35 30.07 17.82 17.11
C ASP A 35 29.61 17.23 18.43
N THR A 36 28.31 17.15 18.61
CA THR A 36 27.76 16.70 19.87
C THR A 36 27.92 15.18 20.01
N ALA A 37 27.75 14.46 18.90
CA ALA A 37 27.98 13.02 18.85
C ALA A 37 29.42 12.71 19.26
N ALA A 38 30.36 13.53 18.75
CA ALA A 38 31.78 13.39 19.07
C ALA A 38 32.05 13.68 20.55
N ALA A 39 31.67 14.90 20.99
CA ALA A 39 31.86 15.30 22.37
C ALA A 39 31.37 14.20 23.32
N LEU A 40 30.22 13.59 23.04
CA LEU A 40 29.56 12.78 24.03
C LEU A 40 29.88 11.30 23.86
N TYR A 41 30.21 10.88 22.62
CA TYR A 41 30.10 9.47 22.25
C TYR A 41 31.26 8.98 21.38
N ARG A 42 32.20 9.87 20.98
CA ARG A 42 33.34 9.51 20.15
C ARG A 42 33.98 8.21 20.66
N ASP A 43 34.17 8.10 21.99
N ASP A 43 34.18 8.16 21.99
CA ASP A 43 34.73 6.90 22.58
CA ASP A 43 34.63 7.01 22.74
C ASP A 43 33.93 5.66 22.15
C ASP A 43 33.94 5.73 22.24
N ALA A 44 32.62 5.68 22.38
CA ALA A 44 31.78 4.51 22.08
C ALA A 44 31.62 4.30 20.57
N LEU A 45 31.46 5.40 19.83
CA LEU A 45 31.30 5.34 18.38
C LEU A 45 32.52 4.72 17.72
N GLU A 46 33.72 5.02 18.24
CA GLU A 46 34.99 4.55 17.69
C GLU A 46 35.26 3.10 18.10
N SER A 47 34.56 2.65 19.16
CA SER A 47 34.74 1.37 19.83
C SER A 47 34.61 0.20 18.87
N PRO A 48 35.10 -0.99 19.26
CA PRO A 48 34.73 -2.22 18.60
C PRO A 48 33.50 -2.93 19.17
N GLU A 49 33.06 -2.54 20.37
CA GLU A 49 31.84 -3.10 20.92
C GLU A 49 30.62 -2.56 20.15
N HIS A 50 29.54 -3.35 20.07
CA HIS A 50 28.28 -2.91 19.45
C HIS A 50 27.69 -1.72 20.22
N CYS A 51 27.58 -1.89 21.55
CA CYS A 51 27.19 -0.86 22.51
C CYS A 51 25.68 -0.88 22.66
N SER A 52 25.00 -0.50 21.58
CA SER A 52 23.55 -0.55 21.49
C SER A 52 23.20 -0.37 20.03
N PRO A 53 21.95 -0.73 19.66
CA PRO A 53 21.52 -0.55 18.27
C PRO A 53 21.62 0.90 17.82
N HIS A 54 21.32 1.81 18.76
CA HIS A 54 21.46 3.23 18.50
C HIS A 54 22.88 3.52 18.04
N HIS A 55 23.86 3.07 18.84
CA HIS A 55 25.26 3.32 18.50
C HIS A 55 25.53 2.83 17.08
N THR A 56 25.00 1.63 16.76
CA THR A 56 25.23 1.05 15.45
C THR A 56 24.65 1.97 14.38
N ALA A 57 23.41 2.39 14.63
CA ALA A 57 22.68 3.19 13.66
C ALA A 57 23.35 4.55 13.47
N LEU A 58 23.62 5.25 14.58
CA LEU A 58 24.26 6.55 14.54
C LEU A 58 25.58 6.49 13.75
N ARG A 59 26.42 5.48 14.04
CA ARG A 59 27.64 5.26 13.26
C ARG A 59 27.38 5.37 11.75
N GLN A 60 26.29 4.75 11.29
CA GLN A 60 26.05 4.64 9.85
C GLN A 60 25.58 6.00 9.32
N ALA A 61 24.76 6.65 10.13
CA ALA A 61 24.24 7.96 9.79
C ALA A 61 25.40 8.90 9.53
N ILE A 62 26.37 8.88 10.46
CA ILE A 62 27.46 9.86 10.43
C ILE A 62 28.25 9.65 9.16
N LEU A 63 28.60 8.36 8.95
CA LEU A 63 29.34 7.89 7.80
C LEU A 63 28.60 8.30 6.54
N CYS A 64 27.27 8.07 6.53
CA CYS A 64 26.50 8.40 5.34
C CYS A 64 26.61 9.89 5.06
N TRP A 65 26.44 10.72 6.09
CA TRP A 65 26.55 12.14 5.87
C TRP A 65 27.88 12.43 5.20
N GLY A 66 28.95 11.83 5.75
CA GLY A 66 30.28 11.78 5.15
C GLY A 66 30.25 11.54 3.64
N ASP A 67 29.59 10.48 3.18
CA ASP A 67 29.58 10.16 1.76
C ASP A 67 28.89 11.28 0.96
N LEU A 68 27.79 11.81 1.52
CA LEU A 68 26.91 12.76 0.83
C LEU A 68 27.67 14.05 0.56
N MET A 69 28.44 14.47 1.56
CA MET A 69 29.22 15.68 1.44
C MET A 69 30.34 15.49 0.42
N THR A 70 31.10 14.40 0.52
CA THR A 70 32.20 14.14 -0.40
C THR A 70 31.66 14.21 -1.83
N LEU A 71 30.36 13.92 -2.01
CA LEU A 71 29.75 13.97 -3.33
C LEU A 71 29.38 15.40 -3.71
N ALA A 72 28.82 16.15 -2.74
CA ALA A 72 28.42 17.54 -2.97
C ALA A 72 29.64 18.42 -3.23
N THR A 73 30.70 18.21 -2.42
CA THR A 73 32.02 18.78 -2.64
C THR A 73 32.42 18.56 -4.10
N TRP A 74 32.65 17.29 -4.45
CA TRP A 74 33.12 16.88 -5.76
C TRP A 74 32.29 17.54 -6.87
N VAL A 75 30.98 17.70 -6.66
CA VAL A 75 30.11 18.29 -7.66
C VAL A 75 30.41 19.79 -7.77
N GLY A 76 30.63 20.44 -6.64
CA GLY A 76 30.83 21.89 -6.59
C GLY A 76 32.20 22.29 -7.15
N THR A 77 33.23 21.49 -6.84
CA THR A 77 34.55 21.70 -7.39
C THR A 77 34.65 21.13 -8.81
N ASN A 78 33.51 20.86 -9.46
CA ASN A 78 33.46 20.39 -10.84
C ASN A 78 32.37 21.11 -11.62
N LEU A 79 31.83 22.21 -11.08
CA LEU A 79 30.62 22.79 -11.65
C LEU A 79 30.98 24.02 -12.49
N GLU A 80 31.89 24.86 -11.99
CA GLU A 80 32.47 25.97 -12.75
C GLU A 80 31.72 27.27 -12.48
N ASP A 81 30.40 27.31 -12.78
CA ASP A 81 29.61 28.53 -12.62
C ASP A 81 29.34 28.78 -11.14
N PRO A 82 29.68 29.97 -10.59
CA PRO A 82 29.32 30.35 -9.22
C PRO A 82 27.83 30.51 -8.91
N ALA A 83 27.02 30.67 -9.97
CA ALA A 83 25.57 30.63 -9.85
C ALA A 83 25.10 29.25 -9.41
N SER A 84 25.73 28.19 -9.95
CA SER A 84 25.25 26.81 -9.90
C SER A 84 25.80 26.04 -8.69
N ARG A 85 26.94 26.48 -8.15
CA ARG A 85 27.42 26.01 -6.86
C ARG A 85 26.46 26.48 -5.76
N ASP A 86 25.80 27.62 -6.04
CA ASP A 86 24.84 28.21 -5.12
C ASP A 86 23.53 27.41 -5.07
N LEU A 87 23.20 26.67 -6.15
CA LEU A 87 21.92 25.95 -6.23
C LEU A 87 22.08 24.48 -5.82
N VAL A 88 23.32 23.96 -5.82
CA VAL A 88 23.60 22.61 -5.35
C VAL A 88 23.47 22.56 -3.83
N VAL A 89 24.20 23.47 -3.15
CA VAL A 89 24.27 23.54 -1.71
C VAL A 89 22.89 23.93 -1.14
N SER A 90 22.08 24.62 -1.95
CA SER A 90 20.70 24.89 -1.57
C SER A 90 19.93 23.58 -1.40
N TYR A 91 20.10 22.65 -2.35
CA TYR A 91 19.34 21.40 -2.38
C TYR A 91 19.61 20.58 -1.13
N VAL A 92 20.87 20.56 -0.68
CA VAL A 92 21.28 19.65 0.38
C VAL A 92 20.74 20.08 1.75
N ASN A 93 20.72 21.39 2.03
CA ASN A 93 20.12 21.94 3.23
C ASN A 93 18.62 21.71 3.21
N THR A 94 18.00 21.91 2.04
CA THR A 94 16.55 21.80 1.87
C THR A 94 16.11 20.38 2.23
N ASN A 95 16.75 19.36 1.62
CA ASN A 95 16.20 18.02 1.59
C ASN A 95 16.96 17.06 2.50
N VAL A 96 18.20 16.73 2.13
CA VAL A 96 18.92 15.63 2.77
C VAL A 96 19.30 16.04 4.19
N GLY A 97 19.61 17.33 4.36
CA GLY A 97 19.93 17.88 5.66
C GLY A 97 18.82 17.66 6.68
N LEU A 98 17.61 18.11 6.35
CA LEU A 98 16.49 17.90 7.25
C LEU A 98 16.44 16.42 7.68
N LYS A 99 16.67 15.52 6.71
CA LYS A 99 16.57 14.07 6.90
C LYS A 99 17.60 13.67 7.94
N PHE A 100 18.82 14.19 7.80
CA PHE A 100 19.94 13.81 8.65
C PHE A 100 19.87 14.54 9.99
N ARG A 101 19.40 15.79 9.97
CA ARG A 101 19.13 16.54 11.20
C ARG A 101 18.14 15.79 12.09
N GLN A 102 17.10 15.22 11.50
CA GLN A 102 16.16 14.44 12.27
C GLN A 102 16.84 13.21 12.88
N LEU A 103 17.57 12.49 12.01
CA LEU A 103 18.04 11.15 12.35
C LEU A 103 19.20 11.24 13.33
N LEU A 104 20.15 12.13 13.05
CA LEU A 104 21.21 12.39 14.01
C LEU A 104 20.62 12.78 15.37
N TRP A 105 19.65 13.70 15.33
CA TRP A 105 19.02 14.17 16.55
C TRP A 105 18.38 12.99 17.27
N PHE A 106 17.52 12.28 16.55
CA PHE A 106 16.74 11.26 17.21
C PHE A 106 17.68 10.37 18.00
N HIS A 107 18.79 9.95 17.36
CA HIS A 107 19.67 8.93 17.95
C HIS A 107 20.45 9.47 19.14
N ILE A 108 21.14 10.61 18.94
CA ILE A 108 21.87 11.30 20.01
C ILE A 108 20.97 11.48 21.26
N SER A 109 19.82 12.19 21.11
CA SER A 109 18.87 12.38 22.19
C SER A 109 18.49 11.07 22.88
N CYS A 110 18.19 10.04 22.08
CA CYS A 110 17.80 8.73 22.62
C CYS A 110 18.92 8.14 23.49
N LEU A 111 20.16 8.32 23.06
CA LEU A 111 21.26 7.86 23.88
C LEU A 111 21.34 8.73 25.14
N THR A 112 21.10 10.05 25.00
CA THR A 112 21.34 11.00 26.08
C THR A 112 20.23 10.96 27.11
N PHE A 113 18.95 11.04 26.70
CA PHE A 113 17.87 11.24 27.65
C PHE A 113 16.90 10.07 27.73
N GLY A 114 17.03 9.07 26.83
CA GLY A 114 16.24 7.83 26.90
C GLY A 114 15.06 7.82 25.93
N ARG A 115 14.93 6.73 25.15
CA ARG A 115 13.97 6.63 24.05
C ARG A 115 12.58 7.14 24.45
N GLU A 116 12.03 6.71 25.59
CA GLU A 116 10.68 7.08 25.97
C GLU A 116 10.54 8.59 26.15
N THR A 117 11.48 9.18 26.90
CA THR A 117 11.46 10.62 27.16
C THR A 117 11.34 11.33 25.82
N VAL A 118 12.24 10.93 24.89
CA VAL A 118 12.45 11.63 23.62
C VAL A 118 11.10 11.69 22.93
N LEU A 119 10.29 10.64 23.11
CA LEU A 119 9.06 10.50 22.35
C LEU A 119 7.93 11.24 23.03
N GLU A 120 7.79 11.09 24.35
CA GLU A 120 6.91 12.00 25.10
C GLU A 120 7.14 13.42 24.60
N TYR A 121 8.39 13.87 24.72
CA TYR A 121 8.73 15.27 24.51
C TYR A 121 8.30 15.70 23.11
N LEU A 122 8.55 14.82 22.13
CA LEU A 122 8.37 15.10 20.72
C LEU A 122 6.89 15.33 20.46
N VAL A 123 6.02 14.62 21.18
CA VAL A 123 4.62 14.84 20.92
C VAL A 123 4.24 16.17 21.58
N SER A 124 4.64 16.34 22.86
CA SER A 124 4.36 17.55 23.61
C SER A 124 4.74 18.82 22.84
N PHE A 125 5.86 18.73 22.17
CA PHE A 125 6.41 19.90 21.52
C PHE A 125 5.59 20.20 20.28
N GLY A 126 5.21 19.13 19.55
CA GLY A 126 4.47 19.24 18.31
C GLY A 126 3.09 19.82 18.56
N VAL A 127 2.46 19.39 19.66
CA VAL A 127 1.19 19.96 20.07
C VAL A 127 1.43 21.44 20.39
N TRP A 128 2.42 21.69 21.24
CA TRP A 128 2.58 22.99 21.84
C TRP A 128 2.91 24.02 20.76
N ILE A 129 3.73 23.64 19.77
CA ILE A 129 4.24 24.60 18.81
C ILE A 129 3.15 24.90 17.80
N ARG A 130 2.08 24.10 17.80
CA ARG A 130 1.03 24.23 16.81
C ARG A 130 -0.16 25.02 17.34
N THR A 131 -0.27 25.12 18.68
CA THR A 131 -1.04 26.16 19.34
C THR A 131 -0.60 27.50 18.77
N PRO A 132 -1.48 28.42 18.33
CA PRO A 132 -1.01 29.68 17.76
C PRO A 132 -0.33 30.51 18.85
N PRO A 133 0.60 31.43 18.50
CA PRO A 133 1.47 32.07 19.49
C PRO A 133 0.61 32.79 20.53
N ALA A 134 -0.41 33.52 20.04
CA ALA A 134 -1.44 34.18 20.85
C ALA A 134 -1.69 33.47 22.18
N ALA A 135 -2.01 32.19 22.11
CA ALA A 135 -2.65 31.46 23.20
C ALA A 135 -1.71 30.44 23.85
N ARG A 136 -0.48 30.35 23.34
CA ARG A 136 0.37 29.24 23.71
C ARG A 136 1.13 29.63 24.98
N PRO A 137 1.14 28.77 26.04
CA PRO A 137 1.93 29.02 27.25
C PRO A 137 3.41 29.34 27.03
N PRO A 138 4.26 29.44 28.10
CA PRO A 138 5.66 29.88 27.91
C PRO A 138 6.80 28.90 27.59
N ASN A 139 6.85 27.75 28.28
CA ASN A 139 7.96 26.80 28.24
C ASN A 139 7.51 25.39 27.82
N ALA A 140 7.96 24.92 26.65
CA ALA A 140 7.35 23.75 26.03
C ALA A 140 7.54 22.52 26.91
N SER B 3 37.50 16.04 12.56
CA SER B 3 36.45 15.01 12.40
C SER B 3 36.65 13.91 13.44
N MET B 4 35.84 12.84 13.31
CA MET B 4 35.91 11.63 14.14
C MET B 4 36.45 10.54 13.22
N ASP B 5 36.84 9.37 13.76
CA ASP B 5 37.31 8.30 12.89
C ASP B 5 36.61 6.98 13.24
N ILE B 6 35.44 6.76 12.58
CA ILE B 6 34.59 5.60 12.76
C ILE B 6 34.81 4.66 11.59
N ASP B 7 34.98 3.35 11.88
CA ASP B 7 35.04 2.34 10.83
C ASP B 7 33.72 1.57 10.81
N PRO B 8 33.01 1.55 9.67
CA PRO B 8 31.76 0.77 9.56
C PRO B 8 31.91 -0.69 9.96
N TYR B 9 33.10 -1.26 9.74
CA TYR B 9 33.30 -2.70 9.91
C TYR B 9 33.80 -3.03 11.31
N LYS B 10 34.30 -2.02 12.03
CA LYS B 10 34.97 -2.22 13.31
C LYS B 10 34.09 -3.04 14.24
N GLU B 11 32.89 -2.58 14.57
CA GLU B 11 32.09 -3.31 15.54
C GLU B 11 31.73 -4.72 15.02
N PHE B 12 31.97 -5.00 13.73
CA PHE B 12 31.65 -6.30 13.14
C PHE B 12 32.93 -7.17 12.98
N GLY B 13 34.04 -6.75 13.60
CA GLY B 13 35.26 -7.54 13.61
C GLY B 13 35.98 -7.53 12.27
N ALA B 14 35.90 -6.41 11.54
CA ALA B 14 36.63 -6.24 10.29
C ALA B 14 36.97 -4.76 10.15
N THR B 15 37.52 -4.37 8.99
CA THR B 15 38.01 -3.03 8.78
C THR B 15 37.86 -2.65 7.32
N VAL B 16 37.87 -1.35 7.05
CA VAL B 16 37.82 -0.92 5.67
C VAL B 16 39.03 -1.48 4.92
N GLU B 17 40.18 -1.58 5.58
CA GLU B 17 41.38 -2.03 4.88
C GLU B 17 41.09 -3.44 4.35
N LEU B 18 40.54 -4.29 5.22
CA LEU B 18 40.36 -5.72 4.96
C LEU B 18 39.42 -5.98 3.80
N LEU B 19 38.30 -5.27 3.77
CA LEU B 19 37.36 -5.37 2.68
C LEU B 19 37.98 -4.91 1.37
N SER B 20 38.91 -3.97 1.38
CA SER B 20 39.49 -3.51 0.13
C SER B 20 40.51 -4.53 -0.38
N PHE B 21 40.81 -5.54 0.45
CA PHE B 21 41.68 -6.63 0.06
C PHE B 21 41.08 -7.44 -1.09
N LEU B 22 39.74 -7.55 -1.11
CA LEU B 22 39.04 -8.16 -2.23
C LEU B 22 39.03 -7.13 -3.36
N PRO B 23 39.18 -7.53 -4.65
CA PRO B 23 39.26 -6.57 -5.75
C PRO B 23 37.90 -6.00 -6.08
N SER B 24 37.86 -4.88 -6.80
CA SER B 24 36.62 -4.13 -6.94
C SER B 24 35.62 -4.86 -7.83
N ASP B 25 36.08 -5.84 -8.63
CA ASP B 25 35.23 -6.53 -9.59
C ASP B 25 34.71 -7.85 -9.03
N PHE B 26 34.97 -8.15 -7.76
CA PHE B 26 34.47 -9.36 -7.13
C PHE B 26 33.08 -9.16 -6.52
N PHE B 27 32.73 -7.88 -6.22
CA PHE B 27 31.48 -7.54 -5.56
C PHE B 27 30.35 -7.52 -6.59
N PRO B 28 29.15 -8.07 -6.29
CA PRO B 28 27.99 -7.91 -7.16
C PRO B 28 27.69 -6.43 -7.38
N SER B 29 26.67 -6.17 -8.19
CA SER B 29 26.24 -4.80 -8.41
C SER B 29 25.42 -4.33 -7.20
N VAL B 30 25.11 -3.03 -7.20
CA VAL B 30 24.29 -2.46 -6.14
C VAL B 30 22.86 -2.96 -6.39
N ARG B 31 22.36 -2.83 -7.64
CA ARG B 31 21.04 -3.31 -8.03
C ARG B 31 20.83 -4.77 -7.57
N ASP B 32 21.81 -5.63 -7.85
CA ASP B 32 21.72 -7.05 -7.53
C ASP B 32 21.75 -7.31 -6.04
N LEU B 33 22.53 -6.49 -5.33
CA LEU B 33 22.68 -6.62 -3.89
C LEU B 33 21.41 -6.17 -3.17
N LEU B 34 20.77 -5.11 -3.68
CA LEU B 34 19.51 -4.63 -3.13
C LEU B 34 18.41 -5.65 -3.41
N ASP B 35 18.39 -6.22 -4.64
CA ASP B 35 17.41 -7.24 -4.99
C ASP B 35 17.57 -8.47 -4.08
N THR B 36 18.81 -8.76 -3.70
CA THR B 36 19.06 -10.02 -3.00
C THR B 36 18.62 -9.86 -1.56
N ALA B 37 18.84 -8.63 -1.04
CA ALA B 37 18.53 -8.30 0.34
C ALA B 37 17.03 -8.43 0.53
N ALA B 38 16.31 -7.80 -0.41
CA ALA B 38 14.86 -7.92 -0.53
C ALA B 38 14.42 -9.38 -0.56
N ALA B 39 15.00 -10.18 -1.47
CA ALA B 39 14.51 -11.53 -1.68
C ALA B 39 14.76 -12.37 -0.42
N LEU B 40 15.88 -12.13 0.26
CA LEU B 40 16.27 -12.96 1.40
C LEU B 40 15.77 -12.38 2.72
N TYR B 41 15.56 -11.05 2.83
CA TYR B 41 15.43 -10.43 4.14
C TYR B 41 14.32 -9.36 4.29
N ARG B 42 13.66 -8.92 3.20
CA ARG B 42 12.60 -7.90 3.27
C ARG B 42 11.77 -8.00 4.56
N ASP B 43 11.22 -9.20 4.81
CA ASP B 43 10.60 -9.61 6.07
C ASP B 43 11.25 -8.91 7.26
N ALA B 44 12.51 -9.26 7.59
CA ALA B 44 13.16 -8.85 8.82
C ALA B 44 13.59 -7.40 8.73
N LEU B 45 14.02 -6.95 7.53
CA LEU B 45 14.43 -5.56 7.32
C LEU B 45 13.30 -4.57 7.55
N GLU B 46 12.08 -4.90 7.10
CA GLU B 46 10.89 -4.08 7.30
C GLU B 46 10.27 -4.29 8.69
N SER B 47 10.83 -5.24 9.46
CA SER B 47 10.39 -5.60 10.79
C SER B 47 10.50 -4.42 11.75
N PRO B 48 9.71 -4.44 12.84
CA PRO B 48 10.03 -3.62 14.01
C PRO B 48 10.94 -4.22 15.07
N GLU B 49 11.32 -5.49 14.93
CA GLU B 49 12.35 -6.09 15.79
C GLU B 49 13.73 -5.68 15.31
N HIS B 50 14.68 -5.53 16.24
CA HIS B 50 16.05 -5.20 15.88
C HIS B 50 16.61 -6.28 14.97
N CYS B 51 16.48 -7.54 15.44
CA CYS B 51 16.89 -8.75 14.74
C CYS B 51 18.34 -9.06 15.06
N SER B 52 19.24 -8.19 14.58
CA SER B 52 20.66 -8.29 14.85
C SER B 52 21.32 -6.99 14.44
N PRO B 53 22.52 -6.67 14.98
CA PRO B 53 23.24 -5.47 14.59
C PRO B 53 23.45 -5.38 13.09
N HIS B 54 23.59 -6.56 12.45
CA HIS B 54 23.79 -6.61 11.01
C HIS B 54 22.57 -6.02 10.32
N HIS B 55 21.38 -6.39 10.81
CA HIS B 55 20.14 -5.91 10.23
C HIS B 55 20.08 -4.40 10.32
N THR B 56 20.41 -3.89 11.52
CA THR B 56 20.31 -2.47 11.78
C THR B 56 21.20 -1.72 10.80
N ALA B 57 22.41 -2.25 10.58
CA ALA B 57 23.35 -1.58 9.70
C ALA B 57 22.83 -1.61 8.26
N LEU B 58 22.45 -2.80 7.81
CA LEU B 58 22.02 -3.01 6.45
C LEU B 58 20.85 -2.07 6.11
N ARG B 59 19.88 -1.98 7.03
CA ARG B 59 18.77 -1.04 6.87
C ARG B 59 19.27 0.38 6.57
N GLN B 60 20.32 0.82 7.30
CA GLN B 60 20.83 2.17 7.10
C GLN B 60 21.58 2.27 5.76
N ALA B 61 22.39 1.25 5.47
CA ALA B 61 23.10 1.17 4.19
C ALA B 61 22.14 1.30 3.01
N ILE B 62 21.01 0.56 3.08
CA ILE B 62 20.07 0.57 1.96
C ILE B 62 19.53 2.00 1.82
N LEU B 63 19.01 2.51 2.94
CA LEU B 63 18.41 3.83 2.97
C LEU B 63 19.39 4.85 2.42
N CYS B 64 20.68 4.73 2.83
CA CYS B 64 21.69 5.72 2.46
C CYS B 64 21.94 5.70 0.95
N TRP B 65 21.95 4.50 0.36
CA TRP B 65 22.10 4.38 -1.08
C TRP B 65 20.91 5.08 -1.74
N GLY B 66 19.72 4.91 -1.13
CA GLY B 66 18.53 5.65 -1.50
C GLY B 66 18.86 7.13 -1.70
N ASP B 67 19.34 7.77 -0.64
CA ASP B 67 19.54 9.21 -0.64
C ASP B 67 20.54 9.62 -1.72
N LEU B 68 21.64 8.86 -1.85
CA LEU B 68 22.74 9.17 -2.77
C LEU B 68 22.24 9.23 -4.21
N MET B 69 21.32 8.31 -4.54
CA MET B 69 20.75 8.21 -5.86
C MET B 69 19.79 9.37 -6.09
N THR B 70 18.90 9.62 -5.11
CA THR B 70 17.93 10.70 -5.21
C THR B 70 18.68 12.00 -5.51
N LEU B 71 19.93 12.09 -5.04
CA LEU B 71 20.77 13.26 -5.30
C LEU B 71 21.31 13.24 -6.74
N ALA B 72 21.83 12.10 -7.20
CA ALA B 72 22.30 11.99 -8.58
C ALA B 72 21.13 12.11 -9.58
N THR B 73 19.94 11.62 -9.19
CA THR B 73 18.71 11.82 -9.93
C THR B 73 18.41 13.30 -10.07
N TRP B 74 18.36 14.00 -8.94
CA TRP B 74 17.96 15.39 -8.88
C TRP B 74 18.98 16.29 -9.59
N VAL B 75 20.20 15.81 -9.79
CA VAL B 75 21.22 16.55 -10.53
C VAL B 75 20.94 16.43 -12.04
N GLY B 76 20.68 15.21 -12.51
CA GLY B 76 20.40 14.97 -13.93
C GLY B 76 19.02 15.47 -14.36
N THR B 77 18.10 15.68 -13.40
CA THR B 77 16.79 16.29 -13.64
C THR B 77 16.86 17.78 -13.31
N ASN B 78 18.08 18.38 -13.37
CA ASN B 78 18.30 19.80 -13.14
C ASN B 78 19.60 20.22 -13.85
N ASP B 81 22.71 19.81 -19.43
CA ASP B 81 24.06 19.31 -19.78
C ASP B 81 23.96 17.79 -19.93
N PRO B 82 23.91 17.24 -21.18
CA PRO B 82 23.98 15.78 -21.41
C PRO B 82 25.32 15.07 -21.17
N ALA B 83 26.45 15.80 -21.30
CA ALA B 83 27.78 15.26 -21.04
C ALA B 83 28.24 15.51 -19.60
N SER B 84 27.46 16.29 -18.82
CA SER B 84 27.83 16.67 -17.46
C SER B 84 26.95 15.98 -16.41
N ARG B 85 25.62 15.98 -16.63
CA ARG B 85 24.70 15.28 -15.75
C ARG B 85 24.83 13.77 -15.92
N ASP B 86 25.36 13.33 -17.07
CA ASP B 86 25.66 11.92 -17.32
C ASP B 86 26.99 11.53 -16.68
N LEU B 87 27.95 12.47 -16.54
CA LEU B 87 29.26 12.18 -15.99
C LEU B 87 29.28 12.37 -14.47
N VAL B 88 28.25 13.02 -13.92
CA VAL B 88 28.07 13.10 -12.47
C VAL B 88 27.64 11.73 -11.95
N VAL B 89 26.61 11.16 -12.58
CA VAL B 89 26.07 9.86 -12.19
C VAL B 89 27.13 8.79 -12.44
N SER B 90 28.07 9.06 -13.36
CA SER B 90 29.16 8.13 -13.62
C SER B 90 30.13 8.06 -12.45
N TYR B 91 30.34 9.20 -11.76
CA TYR B 91 31.24 9.29 -10.62
C TYR B 91 30.75 8.43 -9.46
N VAL B 92 29.41 8.32 -9.32
CA VAL B 92 28.81 7.63 -8.19
C VAL B 92 29.14 6.14 -8.26
N ASN B 93 28.84 5.50 -9.40
CA ASN B 93 29.18 4.11 -9.62
C ASN B 93 30.69 3.91 -9.55
N THR B 94 31.48 4.95 -9.84
CA THR B 94 32.93 4.85 -9.83
C THR B 94 33.43 4.70 -8.39
N ASN B 95 32.91 5.53 -7.46
CA ASN B 95 33.55 5.73 -6.16
C ASN B 95 32.69 5.18 -5.02
N VAL B 96 31.55 5.85 -4.76
CA VAL B 96 30.70 5.49 -3.64
C VAL B 96 30.24 4.05 -3.84
N GLY B 97 29.87 3.74 -5.11
CA GLY B 97 29.37 2.44 -5.53
C GLY B 97 30.21 1.30 -4.96
N LEU B 98 31.49 1.29 -5.31
CA LEU B 98 32.40 0.35 -4.69
C LEU B 98 32.17 0.32 -3.18
N LYS B 99 32.04 1.51 -2.55
CA LYS B 99 31.92 1.59 -1.10
C LYS B 99 30.71 0.78 -0.66
N PHE B 100 29.56 1.03 -1.31
CA PHE B 100 28.32 0.35 -0.93
C PHE B 100 28.31 -1.12 -1.36
N ARG B 101 28.82 -1.42 -2.56
CA ARG B 101 28.97 -2.81 -2.98
C ARG B 101 29.64 -3.62 -1.88
N GLN B 102 30.74 -3.07 -1.35
CA GLN B 102 31.46 -3.74 -0.30
C GLN B 102 30.49 -3.97 0.86
N LEU B 103 29.87 -2.88 1.28
CA LEU B 103 29.22 -2.81 2.58
C LEU B 103 27.94 -3.63 2.60
N LEU B 104 27.12 -3.45 1.57
CA LEU B 104 25.96 -4.30 1.38
C LEU B 104 26.43 -5.76 1.35
N TRP B 105 27.45 -6.08 0.51
CA TRP B 105 27.91 -7.45 0.36
C TRP B 105 28.29 -8.05 1.71
N PHE B 106 29.02 -7.26 2.51
CA PHE B 106 29.54 -7.71 3.77
C PHE B 106 28.38 -8.13 4.66
N HIS B 107 27.32 -7.31 4.69
CA HIS B 107 26.24 -7.50 5.65
C HIS B 107 25.31 -8.66 5.25
N ILE B 108 24.92 -8.68 3.96
CA ILE B 108 24.11 -9.77 3.41
C ILE B 108 24.86 -11.08 3.60
N SER B 109 26.16 -11.12 3.19
CA SER B 109 27.00 -12.30 3.32
C SER B 109 27.11 -12.75 4.77
N CYS B 110 27.28 -11.80 5.67
CA CYS B 110 27.38 -12.14 7.09
C CYS B 110 26.07 -12.70 7.64
N LEU B 111 24.93 -12.25 7.12
CA LEU B 111 23.65 -12.77 7.59
C LEU B 111 23.38 -14.14 6.98
N THR B 112 23.88 -14.36 5.76
CA THR B 112 23.63 -15.56 4.97
C THR B 112 24.57 -16.72 5.33
N PHE B 113 25.86 -16.45 5.60
CA PHE B 113 26.80 -17.56 5.73
C PHE B 113 27.53 -17.56 7.07
N GLY B 114 27.34 -16.52 7.90
CA GLY B 114 28.08 -16.38 9.15
C GLY B 114 29.25 -15.41 9.04
N ARG B 115 29.43 -14.56 10.06
CA ARG B 115 30.54 -13.61 10.12
C ARG B 115 31.87 -14.33 9.94
N GLU B 116 32.08 -15.48 10.62
CA GLU B 116 33.37 -16.15 10.63
C GLU B 116 33.72 -16.66 9.23
N THR B 117 32.77 -17.33 8.57
CA THR B 117 32.91 -17.81 7.20
C THR B 117 33.33 -16.68 6.25
N VAL B 118 32.67 -15.53 6.37
CA VAL B 118 32.87 -14.37 5.49
C VAL B 118 34.28 -13.83 5.69
N LEU B 119 34.87 -13.97 6.87
CA LEU B 119 36.21 -13.47 7.11
C LEU B 119 37.25 -14.47 6.62
N GLU B 120 37.16 -15.74 7.05
CA GLU B 120 38.01 -16.78 6.47
C GLU B 120 38.06 -16.63 4.95
N TYR B 121 36.86 -16.59 4.35
CA TYR B 121 36.73 -16.62 2.90
C TYR B 121 37.46 -15.42 2.27
N LEU B 122 37.18 -14.23 2.80
CA LEU B 122 37.68 -12.98 2.25
C LEU B 122 39.21 -12.96 2.16
N VAL B 123 39.88 -13.57 3.15
CA VAL B 123 41.33 -13.58 3.15
C VAL B 123 41.82 -14.57 2.09
N SER B 124 41.30 -15.81 2.15
CA SER B 124 41.64 -16.88 1.22
C SER B 124 41.52 -16.42 -0.23
N PHE B 125 40.49 -15.61 -0.48
CA PHE B 125 40.15 -15.21 -1.84
C PHE B 125 41.13 -14.15 -2.32
N GLY B 126 41.46 -13.19 -1.44
CA GLY B 126 42.49 -12.19 -1.71
C GLY B 126 43.86 -12.79 -1.99
N VAL B 127 44.30 -13.73 -1.13
CA VAL B 127 45.51 -14.50 -1.37
C VAL B 127 45.36 -15.18 -2.72
N TRP B 128 44.23 -15.88 -2.90
CA TRP B 128 44.10 -16.74 -4.06
C TRP B 128 44.05 -15.91 -5.36
N ILE B 129 43.36 -14.78 -5.37
CA ILE B 129 43.23 -14.06 -6.63
C ILE B 129 44.51 -13.32 -6.95
N ARG B 130 45.39 -13.17 -5.97
CA ARG B 130 46.62 -12.45 -6.22
C ARG B 130 47.73 -13.38 -6.71
N THR B 131 47.67 -14.67 -6.35
CA THR B 131 48.46 -15.72 -7.00
C THR B 131 48.33 -15.49 -8.50
N PRO B 132 49.39 -15.42 -9.33
CA PRO B 132 49.19 -15.14 -10.74
C PRO B 132 48.51 -16.30 -11.47
N PRO B 133 47.80 -16.02 -12.59
CA PRO B 133 46.98 -17.04 -13.23
C PRO B 133 47.84 -18.27 -13.51
N ALA B 134 49.02 -18.03 -14.11
CA ALA B 134 50.04 -19.05 -14.33
C ALA B 134 49.90 -20.23 -13.37
N ALA B 135 50.07 -19.98 -12.07
CA ALA B 135 50.29 -21.04 -11.08
C ALA B 135 49.11 -21.24 -10.13
N ARG B 136 48.01 -20.53 -10.40
CA ARG B 136 46.90 -20.48 -9.48
C ARG B 136 46.14 -21.81 -9.53
N PRO B 137 45.85 -22.47 -8.37
CA PRO B 137 45.01 -23.66 -8.34
C PRO B 137 43.63 -23.52 -9.01
N PRO B 138 42.78 -24.58 -9.02
CA PRO B 138 41.55 -24.60 -9.83
C PRO B 138 40.46 -23.68 -9.30
N ASN B 139 39.90 -22.83 -10.21
CA ASN B 139 38.98 -21.75 -9.91
C ASN B 139 37.91 -22.20 -8.89
N SER C 3 -8.74 -2.50 -6.51
CA SER C 3 -9.26 -3.78 -7.07
C SER C 3 -9.11 -4.88 -6.01
N MET C 4 -8.62 -6.05 -6.46
CA MET C 4 -8.28 -7.18 -5.61
C MET C 4 -6.80 -7.45 -5.88
N ASP C 5 -6.09 -8.04 -4.91
CA ASP C 5 -4.64 -8.20 -5.02
C ASP C 5 -4.21 -9.65 -4.76
N ILE C 6 -4.21 -10.44 -5.83
CA ILE C 6 -3.95 -11.87 -5.75
C ILE C 6 -2.55 -12.14 -6.26
N ASP C 7 -1.76 -12.89 -5.48
CA ASP C 7 -0.45 -13.34 -5.90
C ASP C 7 -0.54 -14.82 -6.22
N PRO C 8 -0.33 -15.20 -7.50
CA PRO C 8 -0.54 -16.57 -7.95
C PRO C 8 0.24 -17.57 -7.10
N TYR C 9 1.39 -17.12 -6.55
CA TYR C 9 2.32 -17.99 -5.84
C TYR C 9 2.11 -17.96 -4.32
N LYS C 10 1.33 -17.00 -3.82
CA LYS C 10 1.09 -16.87 -2.41
C LYS C 10 0.70 -18.21 -1.77
N GLU C 11 -0.27 -18.92 -2.35
CA GLU C 11 -0.84 -20.08 -1.68
C GLU C 11 0.13 -21.25 -1.75
N PHE C 12 1.19 -21.10 -2.58
CA PHE C 12 2.21 -22.11 -2.77
C PHE C 12 3.51 -21.68 -2.07
N GLY C 13 3.45 -20.62 -1.25
CA GLY C 13 4.53 -20.30 -0.36
C GLY C 13 5.63 -19.49 -1.04
N ALA C 14 5.29 -18.78 -2.11
CA ALA C 14 6.24 -17.89 -2.78
C ALA C 14 5.52 -16.63 -3.24
N THR C 15 6.14 -15.87 -4.14
CA THR C 15 5.62 -14.56 -4.49
C THR C 15 6.09 -14.26 -5.90
N VAL C 16 5.41 -13.35 -6.57
CA VAL C 16 5.88 -12.85 -7.86
C VAL C 16 7.29 -12.27 -7.71
N GLU C 17 7.57 -11.68 -6.54
CA GLU C 17 8.83 -11.00 -6.32
C GLU C 17 9.92 -12.06 -6.37
N LEU C 18 9.78 -13.10 -5.56
CA LEU C 18 10.75 -14.18 -5.44
C LEU C 18 11.07 -14.86 -6.79
N LEU C 19 10.05 -15.24 -7.55
CA LEU C 19 10.28 -15.77 -8.88
C LEU C 19 10.95 -14.75 -9.80
N SER C 20 10.84 -13.46 -9.51
CA SER C 20 11.44 -12.46 -10.37
C SER C 20 12.93 -12.38 -10.07
N PHE C 21 13.32 -13.04 -8.97
CA PHE C 21 14.69 -13.10 -8.52
C PHE C 21 15.55 -13.88 -9.52
N LEU C 22 14.97 -14.94 -10.12
CA LEU C 22 15.61 -15.68 -11.18
C LEU C 22 15.59 -14.83 -12.44
N PRO C 23 16.69 -14.75 -13.21
CA PRO C 23 16.73 -13.89 -14.40
C PRO C 23 15.86 -14.48 -15.49
N SER C 24 15.47 -13.65 -16.47
CA SER C 24 14.37 -13.96 -17.37
C SER C 24 14.75 -14.97 -18.44
N ASP C 25 16.06 -15.32 -18.52
CA ASP C 25 16.59 -16.23 -19.52
C ASP C 25 16.87 -17.61 -18.91
N PHE C 26 16.49 -17.83 -17.66
CA PHE C 26 16.75 -19.10 -16.98
C PHE C 26 15.62 -20.07 -17.24
N PHE C 27 14.44 -19.50 -17.53
CA PHE C 27 13.23 -20.27 -17.73
C PHE C 27 13.29 -20.87 -19.12
N PRO C 28 12.92 -22.16 -19.28
CA PRO C 28 12.70 -22.73 -20.62
C PRO C 28 11.66 -21.89 -21.37
N SER C 29 11.50 -22.20 -22.66
CA SER C 29 10.46 -21.59 -23.48
C SER C 29 9.06 -22.06 -23.07
N VAL C 30 8.03 -21.39 -23.64
CA VAL C 30 6.64 -21.79 -23.38
C VAL C 30 6.42 -23.12 -24.09
N ARG C 31 6.85 -23.19 -25.37
CA ARG C 31 6.75 -24.43 -26.13
C ARG C 31 7.31 -25.59 -25.28
N ASP C 32 8.51 -25.38 -24.73
CA ASP C 32 9.26 -26.43 -24.07
C ASP C 32 8.57 -26.86 -22.78
N LEU C 33 8.02 -25.87 -22.05
CA LEU C 33 7.38 -26.10 -20.76
C LEU C 33 6.07 -26.86 -20.95
N LEU C 34 5.34 -26.52 -22.02
CA LEU C 34 4.06 -27.17 -22.30
C LEU C 34 4.32 -28.65 -22.63
N ASP C 35 5.23 -28.90 -23.59
CA ASP C 35 5.56 -30.26 -24.00
C ASP C 35 5.98 -31.08 -22.77
N THR C 36 6.77 -30.48 -21.88
CA THR C 36 7.27 -31.21 -20.73
C THR C 36 6.09 -31.56 -19.83
N ALA C 37 5.15 -30.61 -19.68
CA ALA C 37 4.00 -30.76 -18.79
C ALA C 37 3.18 -31.94 -19.26
N ALA C 38 2.97 -31.96 -20.59
CA ALA C 38 2.40 -33.10 -21.31
C ALA C 38 3.19 -34.37 -21.00
N ALA C 39 4.44 -34.46 -21.47
CA ALA C 39 5.19 -35.71 -21.44
C ALA C 39 5.22 -36.31 -20.05
N LEU C 40 5.20 -35.47 -19.01
CA LEU C 40 5.27 -35.91 -17.63
C LEU C 40 3.89 -36.11 -17.01
N TYR C 41 2.87 -35.31 -17.43
CA TYR C 41 1.69 -35.12 -16.59
C TYR C 41 0.35 -35.21 -17.33
N ARG C 42 0.31 -35.32 -18.66
CA ARG C 42 -0.93 -35.41 -19.42
C ARG C 42 -2.00 -36.24 -18.69
N ASP C 43 -1.64 -37.45 -18.24
N ASP C 43 -1.59 -37.47 -18.35
CA ASP C 43 -2.65 -38.31 -17.63
CA ASP C 43 -2.31 -38.39 -17.49
C ASP C 43 -3.28 -37.60 -16.42
C ASP C 43 -3.17 -37.62 -16.49
N ALA C 44 -2.48 -37.02 -15.51
CA ALA C 44 -3.03 -36.38 -14.32
C ALA C 44 -3.74 -35.08 -14.65
N LEU C 45 -3.17 -34.31 -15.59
CA LEU C 45 -3.73 -33.03 -15.98
C LEU C 45 -5.15 -33.18 -16.50
N GLU C 46 -5.37 -34.21 -17.34
CA GLU C 46 -6.63 -34.45 -18.06
C GLU C 46 -7.61 -35.21 -17.17
N SER C 47 -7.09 -35.78 -16.08
CA SER C 47 -7.81 -36.46 -15.01
C SER C 47 -9.09 -35.72 -14.57
N PRO C 48 -10.06 -36.46 -13.98
CA PRO C 48 -11.11 -35.84 -13.17
C PRO C 48 -10.81 -35.76 -11.67
N GLU C 49 -9.67 -36.31 -11.24
CA GLU C 49 -9.21 -36.08 -9.88
C GLU C 49 -8.58 -34.67 -9.76
N HIS C 50 -8.72 -34.05 -8.59
CA HIS C 50 -8.07 -32.77 -8.32
C HIS C 50 -6.55 -32.94 -8.42
N CYS C 51 -6.02 -33.94 -7.68
CA CYS C 51 -4.65 -34.44 -7.71
C CYS C 51 -3.80 -33.68 -6.69
N SER C 52 -3.68 -32.39 -6.94
CA SER C 52 -3.02 -31.49 -6.00
C SER C 52 -3.29 -30.08 -6.47
N PRO C 53 -3.29 -29.08 -5.55
CA PRO C 53 -3.45 -27.68 -5.94
C PRO C 53 -2.54 -27.21 -7.07
N HIS C 54 -1.32 -27.77 -7.11
CA HIS C 54 -0.39 -27.55 -8.22
C HIS C 54 -1.03 -28.00 -9.53
N HIS C 55 -1.74 -29.12 -9.51
CA HIS C 55 -2.38 -29.60 -10.72
C HIS C 55 -3.48 -28.63 -11.16
N THR C 56 -4.27 -28.16 -10.18
CA THR C 56 -5.38 -27.29 -10.52
C THR C 56 -4.84 -26.01 -11.15
N ALA C 57 -3.71 -25.57 -10.61
CA ALA C 57 -3.12 -24.31 -11.03
C ALA C 57 -2.57 -24.44 -12.45
N LEU C 58 -1.76 -25.47 -12.66
CA LEU C 58 -1.12 -25.73 -13.95
C LEU C 58 -2.16 -25.90 -15.05
N ARG C 59 -3.25 -26.62 -14.74
CA ARG C 59 -4.33 -26.74 -15.72
C ARG C 59 -4.75 -25.35 -16.24
N GLN C 60 -4.99 -24.40 -15.32
CA GLN C 60 -5.52 -23.11 -15.74
C GLN C 60 -4.47 -22.34 -16.56
N ALA C 61 -3.22 -22.39 -16.08
CA ALA C 61 -2.09 -21.75 -16.73
C ALA C 61 -2.02 -22.20 -18.18
N ILE C 62 -2.08 -23.54 -18.41
CA ILE C 62 -1.90 -24.02 -19.77
C ILE C 62 -3.02 -23.43 -20.58
N LEU C 63 -4.25 -23.61 -20.05
CA LEU C 63 -5.47 -23.20 -20.71
C LEU C 63 -5.45 -21.71 -21.00
N CYS C 64 -4.98 -20.93 -20.00
CA CYS C 64 -4.90 -19.50 -20.16
C CYS C 64 -3.95 -19.12 -21.30
N TRP C 65 -2.80 -19.83 -21.39
CA TRP C 65 -1.89 -19.55 -22.49
C TRP C 65 -2.58 -19.85 -23.83
N GLY C 66 -3.32 -20.97 -23.85
CA GLY C 66 -4.21 -21.29 -24.94
C GLY C 66 -4.94 -20.04 -25.44
N ASP C 67 -5.68 -19.40 -24.54
CA ASP C 67 -6.60 -18.33 -24.89
C ASP C 67 -5.86 -17.10 -25.41
N LEU C 68 -4.73 -16.77 -24.79
CA LEU C 68 -3.89 -15.67 -25.23
C LEU C 68 -3.43 -15.91 -26.69
N MET C 69 -2.98 -17.13 -26.99
CA MET C 69 -2.45 -17.44 -28.30
C MET C 69 -3.57 -17.48 -29.34
N THR C 70 -4.70 -18.12 -29.01
CA THR C 70 -5.84 -18.20 -29.93
C THR C 70 -6.31 -16.80 -30.33
N LEU C 71 -6.08 -15.80 -29.45
CA LEU C 71 -6.44 -14.41 -29.70
C LEU C 71 -5.37 -13.74 -30.57
N ALA C 72 -4.09 -13.98 -30.27
CA ALA C 72 -3.00 -13.51 -31.11
C ALA C 72 -3.10 -14.07 -32.53
N THR C 73 -3.49 -15.35 -32.64
CA THR C 73 -3.73 -16.02 -33.92
C THR C 73 -4.81 -15.32 -34.72
N TRP C 74 -5.97 -15.15 -34.08
CA TRP C 74 -7.13 -14.54 -34.69
C TRP C 74 -6.88 -13.07 -35.02
N VAL C 75 -5.88 -12.45 -34.36
CA VAL C 75 -5.45 -11.09 -34.68
C VAL C 75 -4.74 -11.07 -36.04
N GLY C 76 -3.82 -12.01 -36.26
CA GLY C 76 -3.00 -12.08 -37.46
C GLY C 76 -3.79 -12.54 -38.70
N THR C 77 -4.95 -13.17 -38.48
CA THR C 77 -5.86 -13.55 -39.56
C THR C 77 -7.04 -12.58 -39.61
N ASN C 78 -6.79 -11.28 -39.35
CA ASN C 78 -7.85 -10.27 -39.38
C ASN C 78 -7.27 -8.87 -39.62
N LEU C 79 -6.29 -8.47 -38.80
CA LEU C 79 -5.52 -7.25 -39.01
C LEU C 79 -4.21 -7.56 -39.73
N GLU C 80 -3.43 -8.52 -39.16
CA GLU C 80 -2.19 -9.02 -39.73
C GLU C 80 -1.01 -8.54 -38.86
N LEU C 87 3.39 -10.81 -38.07
CA LEU C 87 2.24 -10.35 -37.25
C LEU C 87 2.76 -9.53 -36.07
N VAL C 88 1.84 -8.89 -35.35
CA VAL C 88 2.14 -8.33 -34.04
C VAL C 88 1.66 -9.33 -32.98
N VAL C 89 2.27 -10.53 -33.00
CA VAL C 89 2.22 -11.50 -31.91
C VAL C 89 3.48 -11.35 -31.06
N SER C 90 4.39 -10.45 -31.46
CA SER C 90 5.64 -10.20 -30.76
C SER C 90 5.38 -9.77 -29.32
N TYR C 91 4.34 -8.96 -29.11
CA TYR C 91 4.04 -8.38 -27.80
C TYR C 91 3.82 -9.46 -26.75
N VAL C 92 3.19 -10.58 -27.16
CA VAL C 92 2.80 -11.60 -26.20
C VAL C 92 4.04 -12.31 -25.67
N ASN C 93 4.89 -12.80 -26.56
CA ASN C 93 6.17 -13.37 -26.12
C ASN C 93 6.92 -12.31 -25.31
N THR C 94 6.92 -11.06 -25.77
CA THR C 94 7.65 -9.98 -25.11
C THR C 94 7.31 -10.00 -23.61
N ASN C 95 6.02 -9.83 -23.30
CA ASN C 95 5.57 -9.43 -21.97
C ASN C 95 5.07 -10.63 -21.17
N VAL C 96 3.93 -11.17 -21.62
CA VAL C 96 3.20 -12.17 -20.86
C VAL C 96 3.99 -13.48 -20.85
N GLY C 97 4.91 -13.62 -21.82
CA GLY C 97 5.73 -14.82 -21.96
C GLY C 97 6.59 -15.12 -20.73
N LEU C 98 7.32 -14.09 -20.30
CA LEU C 98 8.10 -14.20 -19.07
C LEU C 98 7.20 -14.65 -17.93
N LYS C 99 5.95 -14.11 -17.92
CA LYS C 99 5.00 -14.34 -16.83
C LYS C 99 4.60 -15.81 -16.81
N PHE C 100 4.32 -16.37 -18.00
CA PHE C 100 3.86 -17.74 -18.10
C PHE C 100 5.04 -18.69 -17.94
N ARG C 101 6.19 -18.33 -18.55
CA ARG C 101 7.39 -19.15 -18.45
C ARG C 101 7.70 -19.40 -16.98
N GLN C 102 7.56 -18.38 -16.14
CA GLN C 102 7.83 -18.53 -14.71
C GLN C 102 6.81 -19.46 -14.07
N LEU C 103 5.54 -19.21 -14.39
CA LEU C 103 4.43 -19.85 -13.72
C LEU C 103 4.35 -21.33 -14.10
N LEU C 104 4.38 -21.62 -15.41
CA LEU C 104 4.47 -23.00 -15.87
C LEU C 104 5.64 -23.70 -15.18
N TRP C 105 6.84 -23.07 -15.21
CA TRP C 105 8.04 -23.64 -14.62
C TRP C 105 7.83 -23.89 -13.14
N PHE C 106 7.28 -22.90 -12.44
CA PHE C 106 7.20 -23.01 -11.00
C PHE C 106 6.43 -24.30 -10.70
N HIS C 107 5.33 -24.52 -11.43
CA HIS C 107 4.40 -25.56 -11.08
C HIS C 107 4.90 -26.95 -11.50
N ILE C 108 5.45 -27.09 -12.72
CA ILE C 108 6.03 -28.35 -13.18
C ILE C 108 7.17 -28.79 -12.25
N SER C 109 8.11 -27.86 -11.96
CA SER C 109 9.25 -28.12 -11.09
C SER C 109 8.79 -28.55 -9.71
N CYS C 110 7.78 -27.88 -9.18
CA CYS C 110 7.25 -28.25 -7.88
C CYS C 110 6.86 -29.73 -7.91
N LEU C 111 5.96 -30.08 -8.83
CA LEU C 111 5.45 -31.44 -8.93
C LEU C 111 6.60 -32.44 -9.08
N THR C 112 7.60 -32.09 -9.90
CA THR C 112 8.66 -33.01 -10.26
C THR C 112 9.68 -33.21 -9.14
N PHE C 113 10.10 -32.15 -8.43
CA PHE C 113 11.23 -32.23 -7.51
C PHE C 113 10.82 -31.86 -6.08
N GLY C 114 9.65 -31.21 -5.89
CA GLY C 114 9.19 -30.84 -4.56
C GLY C 114 9.25 -29.32 -4.30
N ARG C 115 8.15 -28.75 -3.77
CA ARG C 115 8.04 -27.31 -3.53
C ARG C 115 9.30 -26.81 -2.81
N GLU C 116 9.62 -27.39 -1.65
CA GLU C 116 10.71 -26.92 -0.80
C GLU C 116 12.02 -26.87 -1.61
N THR C 117 12.30 -27.92 -2.39
CA THR C 117 13.54 -28.05 -3.13
C THR C 117 13.64 -26.97 -4.20
N VAL C 118 12.48 -26.59 -4.77
CA VAL C 118 12.38 -25.57 -5.81
C VAL C 118 12.67 -24.21 -5.17
N LEU C 119 12.35 -24.05 -3.89
CA LEU C 119 12.48 -22.75 -3.26
C LEU C 119 13.92 -22.53 -2.79
N GLU C 120 14.49 -23.55 -2.12
CA GLU C 120 15.93 -23.67 -1.94
C GLU C 120 16.66 -23.32 -3.24
N TYR C 121 16.37 -24.07 -4.31
CA TYR C 121 17.17 -23.90 -5.51
C TYR C 121 17.07 -22.46 -6.06
N LEU C 122 15.87 -21.88 -6.03
CA LEU C 122 15.64 -20.57 -6.60
C LEU C 122 16.51 -19.51 -5.92
N VAL C 123 16.65 -19.62 -4.59
CA VAL C 123 17.45 -18.65 -3.87
C VAL C 123 18.93 -18.86 -4.21
N SER C 124 19.40 -20.11 -4.04
CA SER C 124 20.76 -20.48 -4.40
C SER C 124 21.14 -19.93 -5.76
N PHE C 125 20.28 -20.15 -6.73
CA PHE C 125 20.59 -19.81 -8.11
C PHE C 125 20.72 -18.29 -8.25
N GLY C 126 19.75 -17.56 -7.67
CA GLY C 126 19.73 -16.09 -7.70
C GLY C 126 20.99 -15.47 -7.09
N VAL C 127 21.36 -15.94 -5.89
CA VAL C 127 22.59 -15.51 -5.26
C VAL C 127 23.75 -15.76 -6.21
N TRP C 128 23.78 -17.01 -6.72
CA TRP C 128 24.93 -17.53 -7.43
C TRP C 128 25.08 -16.80 -8.74
N ILE C 129 23.98 -16.61 -9.47
CA ILE C 129 24.09 -16.01 -10.79
C ILE C 129 24.51 -14.55 -10.66
N ARG C 130 24.27 -13.92 -9.50
CA ARG C 130 24.55 -12.50 -9.36
C ARG C 130 25.99 -12.26 -8.90
N THR C 131 26.62 -13.30 -8.33
CA THR C 131 28.06 -13.30 -8.11
C THR C 131 28.73 -13.00 -9.43
N PRO C 132 29.69 -12.05 -9.58
CA PRO C 132 30.25 -11.76 -10.89
C PRO C 132 30.93 -13.00 -11.46
N PRO C 133 31.11 -13.06 -12.79
CA PRO C 133 31.58 -14.29 -13.44
C PRO C 133 32.95 -14.66 -12.91
N ALA C 134 33.84 -13.66 -12.88
CA ALA C 134 35.24 -13.86 -12.53
C ALA C 134 35.41 -13.98 -11.01
N ALA C 135 34.51 -14.73 -10.37
CA ALA C 135 34.60 -14.99 -8.93
C ALA C 135 33.71 -16.16 -8.53
N ARG C 136 32.84 -16.59 -9.45
CA ARG C 136 31.73 -17.42 -9.04
C ARG C 136 32.13 -18.86 -9.29
N PRO C 137 31.85 -19.79 -8.35
CA PRO C 137 32.15 -21.21 -8.54
C PRO C 137 31.54 -21.84 -9.80
N PRO C 138 31.83 -23.14 -10.05
CA PRO C 138 31.03 -23.94 -10.97
C PRO C 138 29.75 -24.48 -10.32
N ASN C 139 29.81 -24.66 -8.98
CA ASN C 139 28.87 -25.42 -8.14
C ASN C 139 27.46 -24.79 -8.09
N ALA C 140 26.57 -25.28 -8.97
CA ALA C 140 25.22 -24.73 -9.12
C ALA C 140 25.31 -23.31 -9.67
N MET D 4 -2.68 -31.54 -25.81
CA MET D 4 -3.33 -31.92 -24.53
C MET D 4 -4.80 -31.50 -24.59
N ASP D 5 -5.66 -32.20 -23.84
CA ASP D 5 -7.08 -31.97 -23.91
C ASP D 5 -7.63 -31.81 -22.49
N ILE D 6 -7.49 -30.59 -21.99
CA ILE D 6 -7.77 -30.28 -20.60
C ILE D 6 -9.13 -29.59 -20.54
N ASP D 7 -10.00 -30.10 -19.67
CA ASP D 7 -11.29 -29.47 -19.43
C ASP D 7 -11.25 -28.79 -18.07
N PRO D 8 -11.36 -27.44 -18.05
CA PRO D 8 -11.36 -26.70 -16.79
C PRO D 8 -12.36 -27.21 -15.75
N TYR D 9 -13.48 -27.76 -16.22
CA TYR D 9 -14.53 -28.18 -15.31
C TYR D 9 -14.36 -29.65 -14.88
N LYS D 10 -13.54 -30.43 -15.62
CA LYS D 10 -13.51 -31.87 -15.45
C LYS D 10 -13.19 -32.27 -14.01
N GLU D 11 -12.23 -31.59 -13.38
CA GLU D 11 -11.88 -31.95 -12.01
C GLU D 11 -12.98 -31.57 -11.02
N PHE D 12 -13.97 -30.76 -11.46
CA PHE D 12 -14.98 -30.24 -10.57
C PHE D 12 -16.30 -31.00 -10.75
N GLY D 13 -16.30 -32.02 -11.63
CA GLY D 13 -17.48 -32.80 -11.92
C GLY D 13 -18.45 -32.14 -12.92
N ALA D 14 -17.94 -31.25 -13.79
CA ALA D 14 -18.74 -30.77 -14.91
C ALA D 14 -17.87 -30.71 -16.16
N THR D 15 -18.35 -30.07 -17.23
CA THR D 15 -17.67 -30.11 -18.51
C THR D 15 -17.96 -28.83 -19.24
N VAL D 16 -17.20 -28.56 -20.28
CA VAL D 16 -17.49 -27.40 -21.11
C VAL D 16 -18.86 -27.58 -21.78
N GLU D 17 -19.18 -28.82 -22.11
CA GLU D 17 -20.41 -29.10 -22.85
C GLU D 17 -21.55 -28.57 -22.00
N LEU D 18 -21.57 -29.03 -20.75
CA LEU D 18 -22.64 -28.77 -19.80
C LEU D 18 -22.82 -27.27 -19.52
N LEU D 19 -21.74 -26.53 -19.35
CA LEU D 19 -21.85 -25.10 -19.17
C LEU D 19 -22.30 -24.43 -20.46
N SER D 20 -22.10 -25.05 -21.62
CA SER D 20 -22.55 -24.41 -22.83
C SER D 20 -24.05 -24.62 -23.03
N PHE D 21 -24.65 -25.41 -22.13
CA PHE D 21 -26.07 -25.69 -22.13
C PHE D 21 -26.84 -24.44 -21.74
N LEU D 22 -26.29 -23.66 -20.83
CA LEU D 22 -26.87 -22.38 -20.48
C LEU D 22 -26.63 -21.43 -21.63
N PRO D 23 -27.60 -20.58 -22.01
CA PRO D 23 -27.38 -19.55 -23.06
C PRO D 23 -26.38 -18.47 -22.66
N SER D 24 -25.86 -17.73 -23.63
CA SER D 24 -24.75 -16.83 -23.35
C SER D 24 -25.25 -15.56 -22.67
N ASP D 25 -26.57 -15.37 -22.57
CA ASP D 25 -27.13 -14.15 -21.98
C ASP D 25 -27.57 -14.41 -20.54
N PHE D 26 -27.35 -15.63 -20.04
CA PHE D 26 -27.69 -15.98 -18.67
C PHE D 26 -26.63 -15.47 -17.70
N PHE D 27 -25.37 -15.44 -18.15
CA PHE D 27 -24.24 -15.13 -17.29
C PHE D 27 -24.18 -13.62 -17.06
N PRO D 28 -23.87 -13.15 -15.83
CA PRO D 28 -23.61 -11.73 -15.58
C PRO D 28 -22.44 -11.30 -16.44
N SER D 29 -22.10 -10.00 -16.38
CA SER D 29 -20.93 -9.45 -17.07
C SER D 29 -19.63 -9.86 -16.36
N VAL D 30 -18.48 -9.65 -17.03
CA VAL D 30 -17.23 -10.00 -16.40
C VAL D 30 -17.09 -9.05 -15.22
N ARG D 31 -17.28 -7.74 -15.50
CA ARG D 31 -17.15 -6.70 -14.48
C ARG D 31 -17.90 -7.16 -13.23
N ASP D 32 -19.14 -7.64 -13.44
CA ASP D 32 -20.02 -7.93 -12.33
C ASP D 32 -19.52 -9.16 -11.56
N LEU D 33 -18.90 -10.10 -12.28
CA LEU D 33 -18.48 -11.37 -11.70
C LEU D 33 -17.20 -11.16 -10.89
N LEU D 34 -16.35 -10.23 -11.35
CA LEU D 34 -15.12 -9.86 -10.64
C LEU D 34 -15.47 -9.17 -9.34
N ASP D 35 -16.38 -8.16 -9.42
CA ASP D 35 -16.84 -7.39 -8.27
C ASP D 35 -17.46 -8.30 -7.23
N THR D 36 -18.20 -9.31 -7.70
CA THR D 36 -18.86 -10.24 -6.79
C THR D 36 -17.82 -11.09 -6.07
N ALA D 37 -16.80 -11.52 -6.82
CA ALA D 37 -15.76 -12.40 -6.30
C ALA D 37 -15.03 -11.67 -5.20
N ALA D 38 -14.70 -10.41 -5.49
CA ALA D 38 -14.14 -9.47 -4.53
C ALA D 38 -15.05 -9.33 -3.30
N ALA D 39 -16.31 -8.92 -3.52
CA ALA D 39 -17.23 -8.65 -2.43
C ALA D 39 -17.28 -9.86 -1.50
N LEU D 40 -17.46 -11.03 -2.07
CA LEU D 40 -17.70 -12.19 -1.24
C LEU D 40 -16.40 -12.84 -0.77
N TYR D 41 -15.27 -12.72 -1.51
CA TYR D 41 -14.18 -13.67 -1.31
C TYR D 41 -12.76 -13.08 -1.33
N ARG D 42 -12.61 -11.76 -1.45
CA ARG D 42 -11.31 -11.10 -1.47
C ARG D 42 -10.39 -11.57 -0.34
N ASP D 43 -10.93 -11.75 0.87
CA ASP D 43 -10.11 -12.15 2.00
C ASP D 43 -9.49 -13.51 1.71
N ALA D 44 -10.32 -14.46 1.24
CA ALA D 44 -9.87 -15.82 0.95
C ALA D 44 -9.00 -15.86 -0.30
N LEU D 45 -9.37 -15.08 -1.30
CA LEU D 45 -8.69 -15.13 -2.58
C LEU D 45 -7.27 -14.61 -2.43
N GLU D 46 -7.10 -13.65 -1.51
CA GLU D 46 -5.83 -12.97 -1.24
C GLU D 46 -5.06 -13.70 -0.15
N SER D 47 -5.74 -14.64 0.49
CA SER D 47 -5.20 -15.58 1.47
C SER D 47 -3.98 -16.35 0.96
N PRO D 48 -3.07 -16.75 1.88
CA PRO D 48 -2.10 -17.81 1.61
C PRO D 48 -2.56 -19.23 1.93
N GLU D 49 -3.75 -19.40 2.47
CA GLU D 49 -4.33 -20.74 2.57
C GLU D 49 -4.90 -21.14 1.21
N HIS D 50 -4.85 -22.45 0.91
CA HIS D 50 -5.35 -23.01 -0.34
C HIS D 50 -6.85 -22.78 -0.43
N CYS D 51 -7.54 -23.11 0.69
CA CYS D 51 -8.97 -22.96 0.90
C CYS D 51 -9.73 -24.10 0.23
N SER D 52 -9.67 -24.12 -1.10
CA SER D 52 -10.39 -25.12 -1.88
C SER D 52 -9.89 -25.05 -3.31
N PRO D 53 -10.03 -26.16 -4.05
CA PRO D 53 -9.67 -26.16 -5.47
C PRO D 53 -10.35 -25.02 -6.23
N HIS D 54 -11.58 -24.66 -5.80
CA HIS D 54 -12.37 -23.60 -6.45
C HIS D 54 -11.60 -22.30 -6.34
N HIS D 55 -11.22 -21.99 -5.10
CA HIS D 55 -10.45 -20.78 -4.83
C HIS D 55 -9.23 -20.72 -5.74
N THR D 56 -8.54 -21.87 -5.88
CA THR D 56 -7.29 -21.86 -6.60
C THR D 56 -7.58 -21.54 -8.07
N ALA D 57 -8.68 -22.10 -8.57
CA ALA D 57 -9.02 -21.99 -9.97
C ALA D 57 -9.48 -20.58 -10.31
N LEU D 58 -10.36 -20.04 -9.45
CA LEU D 58 -10.84 -18.66 -9.53
C LEU D 58 -9.68 -17.65 -9.51
N ARG D 59 -8.74 -17.84 -8.57
CA ARG D 59 -7.51 -17.05 -8.56
C ARG D 59 -6.89 -16.95 -9.95
N GLN D 60 -6.75 -18.09 -10.64
CA GLN D 60 -6.02 -18.10 -11.88
C GLN D 60 -6.88 -17.46 -12.97
N ALA D 61 -8.19 -17.70 -12.87
CA ALA D 61 -9.16 -17.18 -13.83
C ALA D 61 -9.15 -15.66 -13.79
N ILE D 62 -9.11 -15.08 -12.57
CA ILE D 62 -9.22 -13.63 -12.46
C ILE D 62 -7.97 -13.04 -13.07
N LEU D 63 -6.84 -13.67 -12.72
CA LEU D 63 -5.52 -13.15 -13.06
C LEU D 63 -5.40 -13.19 -14.57
N CYS D 64 -5.90 -14.28 -15.16
CA CYS D 64 -5.80 -14.49 -16.60
C CYS D 64 -6.62 -13.44 -17.33
N TRP D 65 -7.78 -13.07 -16.78
CA TRP D 65 -8.60 -12.09 -17.46
C TRP D 65 -7.84 -10.75 -17.51
N GLY D 66 -7.13 -10.45 -16.40
CA GLY D 66 -6.20 -9.33 -16.38
C GLY D 66 -5.30 -9.29 -17.61
N ASP D 67 -4.51 -10.36 -17.82
CA ASP D 67 -3.59 -10.48 -18.94
C ASP D 67 -4.28 -10.25 -20.28
N LEU D 68 -5.47 -10.85 -20.46
CA LEU D 68 -6.21 -10.80 -21.71
C LEU D 68 -6.68 -9.37 -22.04
N MET D 69 -7.03 -8.62 -21.00
CA MET D 69 -7.42 -7.22 -21.14
C MET D 69 -6.18 -6.36 -21.38
N THR D 70 -5.15 -6.51 -20.55
CA THR D 70 -3.90 -5.77 -20.77
C THR D 70 -3.48 -5.96 -22.24
N LEU D 71 -3.96 -7.03 -22.90
CA LEU D 71 -3.66 -7.30 -24.31
C LEU D 71 -4.66 -6.65 -25.25
N ALA D 72 -5.88 -6.40 -24.77
CA ALA D 72 -6.83 -5.60 -25.53
C ALA D 72 -6.61 -4.09 -25.27
N THR D 73 -5.95 -3.75 -24.16
CA THR D 73 -5.52 -2.38 -23.87
C THR D 73 -4.40 -1.99 -24.83
N TRP D 74 -3.39 -2.85 -24.92
CA TRP D 74 -2.19 -2.62 -25.69
C TRP D 74 -2.48 -2.64 -27.20
N VAL D 75 -3.59 -3.28 -27.62
CA VAL D 75 -3.98 -3.30 -29.02
C VAL D 75 -4.72 -1.99 -29.36
N GLY D 76 -5.47 -1.44 -28.40
CA GLY D 76 -6.27 -0.23 -28.60
C GLY D 76 -5.48 1.05 -28.32
N THR D 77 -4.41 0.95 -27.51
CA THR D 77 -3.46 2.05 -27.30
C THR D 77 -2.21 1.84 -28.17
N ASN D 78 -2.41 1.25 -29.37
CA ASN D 78 -1.40 1.19 -30.42
C ASN D 78 -2.10 1.31 -31.78
N LEU D 79 -2.81 0.24 -32.16
CA LEU D 79 -3.52 0.18 -33.44
C LEU D 79 -4.90 0.84 -33.30
N ASP D 86 -11.06 -1.86 -33.46
CA ASP D 86 -12.55 -1.81 -33.54
C ASP D 86 -13.11 -3.20 -33.87
N LEU D 87 -12.32 -4.05 -34.55
CA LEU D 87 -12.68 -5.44 -34.78
C LEU D 87 -12.11 -6.35 -33.70
N VAL D 88 -11.02 -5.90 -33.05
CA VAL D 88 -10.29 -6.71 -32.07
C VAL D 88 -11.10 -6.82 -30.78
N VAL D 89 -11.58 -5.66 -30.28
CA VAL D 89 -12.31 -5.60 -29.01
C VAL D 89 -13.69 -6.22 -29.22
N SER D 90 -14.11 -6.37 -30.48
CA SER D 90 -15.37 -7.01 -30.79
C SER D 90 -15.28 -8.53 -30.61
N TYR D 91 -14.11 -9.12 -30.91
CA TYR D 91 -13.88 -10.56 -30.78
C TYR D 91 -13.95 -11.00 -29.31
N VAL D 92 -13.44 -10.15 -28.40
CA VAL D 92 -13.25 -10.54 -27.01
C VAL D 92 -14.61 -10.82 -26.38
N ASN D 93 -15.53 -9.87 -26.53
CA ASN D 93 -16.90 -10.02 -26.04
C ASN D 93 -17.59 -11.19 -26.75
N THR D 94 -17.20 -11.45 -28.00
CA THR D 94 -17.82 -12.52 -28.78
C THR D 94 -17.45 -13.89 -28.17
N ASN D 95 -16.14 -14.16 -27.95
CA ASN D 95 -15.64 -15.51 -27.72
C ASN D 95 -15.08 -15.70 -26.30
N VAL D 96 -14.05 -14.94 -25.94
CA VAL D 96 -13.30 -15.21 -24.71
C VAL D 96 -14.09 -14.77 -23.49
N GLY D 97 -14.85 -13.68 -23.66
CA GLY D 97 -15.75 -13.16 -22.63
C GLY D 97 -16.75 -14.20 -22.17
N LEU D 98 -17.45 -14.81 -23.11
CA LEU D 98 -18.34 -15.89 -22.73
C LEU D 98 -17.56 -16.95 -21.97
N LYS D 99 -16.32 -17.25 -22.38
CA LYS D 99 -15.56 -18.32 -21.78
C LYS D 99 -15.31 -18.00 -20.31
N PHE D 100 -14.97 -16.74 -20.00
CA PHE D 100 -14.66 -16.34 -18.62
C PHE D 100 -15.94 -16.09 -17.81
N ARG D 101 -16.96 -15.50 -18.43
CA ARG D 101 -18.23 -15.36 -17.74
C ARG D 101 -18.66 -16.72 -17.20
N GLN D 102 -18.59 -17.75 -18.04
CA GLN D 102 -18.94 -19.11 -17.63
C GLN D 102 -18.09 -19.57 -16.46
N LEU D 103 -16.78 -19.38 -16.57
CA LEU D 103 -15.84 -19.98 -15.63
C LEU D 103 -15.93 -19.25 -14.29
N LEU D 104 -15.83 -17.93 -14.33
CA LEU D 104 -16.00 -17.12 -13.12
C LEU D 104 -17.32 -17.46 -12.44
N TRP D 105 -18.41 -17.49 -13.23
CA TRP D 105 -19.74 -17.77 -12.70
C TRP D 105 -19.76 -19.12 -12.04
N PHE D 106 -19.14 -20.11 -12.70
CA PHE D 106 -19.24 -21.50 -12.28
C PHE D 106 -18.62 -21.66 -10.89
N HIS D 107 -17.48 -21.00 -10.66
CA HIS D 107 -16.74 -21.13 -9.41
C HIS D 107 -17.36 -20.31 -8.29
N ILE D 108 -17.67 -19.02 -8.54
CA ILE D 108 -18.33 -18.18 -7.54
C ILE D 108 -19.59 -18.86 -7.00
N SER D 109 -20.49 -19.28 -7.93
CA SER D 109 -21.73 -20.00 -7.62
C SER D 109 -21.47 -21.28 -6.84
N CYS D 110 -20.46 -22.05 -7.28
CA CYS D 110 -20.13 -23.29 -6.58
C CYS D 110 -19.71 -22.98 -5.16
N LEU D 111 -18.89 -21.94 -5.00
CA LEU D 111 -18.46 -21.50 -3.68
C LEU D 111 -19.64 -20.94 -2.90
N THR D 112 -20.56 -20.23 -3.55
CA THR D 112 -21.66 -19.60 -2.83
C THR D 112 -22.78 -20.60 -2.50
N PHE D 113 -23.13 -21.50 -3.41
CA PHE D 113 -24.38 -22.25 -3.26
C PHE D 113 -24.16 -23.75 -3.30
N GLY D 114 -22.97 -24.20 -3.71
CA GLY D 114 -22.63 -25.61 -3.60
C GLY D 114 -22.74 -26.40 -4.90
N ARG D 115 -21.68 -27.15 -5.24
CA ARG D 115 -21.49 -27.73 -6.56
C ARG D 115 -22.80 -28.37 -7.05
N GLU D 116 -23.41 -29.26 -6.25
CA GLU D 116 -24.54 -30.05 -6.72
C GLU D 116 -25.77 -29.17 -7.01
N THR D 117 -25.99 -28.13 -6.20
CA THR D 117 -27.06 -27.18 -6.43
C THR D 117 -26.83 -26.43 -7.74
N VAL D 118 -25.57 -26.07 -8.02
CA VAL D 118 -25.21 -25.34 -9.23
C VAL D 118 -25.48 -26.22 -10.45
N LEU D 119 -25.41 -27.55 -10.28
CA LEU D 119 -25.55 -28.46 -11.40
C LEU D 119 -27.02 -28.87 -11.56
N GLU D 120 -27.74 -29.16 -10.46
CA GLU D 120 -29.20 -29.22 -10.52
C GLU D 120 -29.72 -28.01 -11.30
N TYR D 121 -29.41 -26.81 -10.80
CA TYR D 121 -30.06 -25.62 -11.31
C TYR D 121 -29.80 -25.49 -12.81
N LEU D 122 -28.53 -25.69 -13.18
CA LEU D 122 -28.02 -25.50 -14.53
C LEU D 122 -28.82 -26.30 -15.54
N VAL D 123 -29.19 -27.54 -15.19
CA VAL D 123 -29.85 -28.41 -16.16
C VAL D 123 -31.31 -27.97 -16.29
N SER D 124 -32.02 -27.94 -15.15
CA SER D 124 -33.36 -27.37 -15.06
C SER D 124 -33.53 -26.12 -15.91
N PHE D 125 -32.55 -25.22 -15.82
CA PHE D 125 -32.64 -23.94 -16.46
C PHE D 125 -32.48 -24.10 -17.98
N GLY D 126 -31.53 -24.96 -18.43
CA GLY D 126 -31.38 -25.25 -19.84
C GLY D 126 -32.64 -25.89 -20.45
N VAL D 127 -33.19 -26.87 -19.75
CA VAL D 127 -34.48 -27.38 -20.13
C VAL D 127 -35.49 -26.24 -20.24
N TRP D 128 -35.62 -25.49 -19.14
CA TRP D 128 -36.75 -24.58 -18.97
C TRP D 128 -36.70 -23.46 -20.01
N ILE D 129 -35.52 -22.89 -20.27
CA ILE D 129 -35.46 -21.75 -21.17
C ILE D 129 -35.62 -22.22 -22.61
N ARG D 130 -35.45 -23.53 -22.87
CA ARG D 130 -35.56 -24.02 -24.23
C ARG D 130 -37.00 -24.32 -24.61
N THR D 131 -37.85 -24.51 -23.58
CA THR D 131 -39.31 -24.53 -23.75
C THR D 131 -39.68 -23.24 -24.45
N PRO D 132 -40.40 -23.21 -25.59
CA PRO D 132 -40.62 -21.95 -26.27
C PRO D 132 -41.43 -21.02 -25.38
N PRO D 133 -41.36 -19.70 -25.63
CA PRO D 133 -41.78 -18.70 -24.65
C PRO D 133 -43.25 -18.92 -24.30
N ALA D 134 -44.10 -18.83 -25.31
CA ALA D 134 -45.53 -18.91 -25.07
C ALA D 134 -45.94 -20.37 -24.89
N ALA D 135 -45.27 -21.04 -23.93
CA ALA D 135 -45.70 -22.33 -23.42
C ALA D 135 -45.02 -22.62 -22.09
N ARG D 136 -44.02 -21.81 -21.73
CA ARG D 136 -43.17 -22.19 -20.63
C ARG D 136 -43.79 -21.63 -19.35
N PRO D 137 -43.82 -22.43 -18.26
CA PRO D 137 -44.17 -21.91 -16.93
C PRO D 137 -43.47 -20.60 -16.53
N PRO D 138 -43.97 -19.86 -15.53
CA PRO D 138 -43.29 -18.64 -15.06
C PRO D 138 -42.22 -18.88 -13.99
N ASN D 139 -41.46 -17.80 -13.67
CA ASN D 139 -40.38 -17.72 -12.69
C ASN D 139 -39.30 -18.81 -12.92
N ALA D 140 -39.11 -19.74 -11.97
CA ALA D 140 -37.92 -20.60 -11.93
C ALA D 140 -37.77 -21.40 -13.23
N SER E 3 -0.55 11.38 5.69
CA SER E 3 -1.71 10.65 5.10
C SER E 3 -2.29 9.65 6.10
N MET E 4 -3.62 9.72 6.27
CA MET E 4 -4.38 8.77 7.07
C MET E 4 -5.38 8.06 6.15
N ASP E 5 -5.75 6.83 6.50
CA ASP E 5 -6.69 6.07 5.68
C ASP E 5 -7.85 5.58 6.54
N ILE E 6 -8.88 6.45 6.64
CA ILE E 6 -10.07 6.22 7.46
C ILE E 6 -11.22 5.76 6.57
N ASP E 7 -11.93 4.71 7.02
CA ASP E 7 -13.11 4.20 6.35
C ASP E 7 -14.35 4.42 7.23
N PRO E 8 -15.33 5.23 6.78
CA PRO E 8 -16.48 5.57 7.62
C PRO E 8 -17.20 4.30 8.07
N TYR E 9 -17.12 3.23 7.26
CA TYR E 9 -17.90 2.04 7.52
C TYR E 9 -17.13 1.05 8.40
N LYS E 10 -15.80 1.23 8.53
CA LYS E 10 -14.95 0.22 9.16
C LYS E 10 -15.39 -0.09 10.59
N GLU E 11 -15.72 0.91 11.40
CA GLU E 11 -16.10 0.66 12.78
C GLU E 11 -17.54 0.12 12.83
N PHE E 12 -18.25 0.12 11.68
CA PHE E 12 -19.62 -0.35 11.59
C PHE E 12 -19.65 -1.73 10.95
N GLY E 13 -18.47 -2.34 10.81
CA GLY E 13 -18.35 -3.69 10.27
C GLY E 13 -18.66 -3.75 8.78
N ALA E 14 -18.41 -2.67 8.04
CA ALA E 14 -18.55 -2.67 6.60
C ALA E 14 -17.34 -1.92 6.01
N THR E 15 -17.40 -1.58 4.73
CA THR E 15 -16.33 -0.89 4.04
C THR E 15 -16.90 -0.12 2.88
N VAL E 16 -16.09 0.79 2.36
CA VAL E 16 -16.50 1.53 1.18
C VAL E 16 -16.76 0.54 0.03
N GLU E 17 -15.87 -0.44 -0.11
N GLU E 17 -15.88 -0.46 -0.14
CA GLU E 17 -15.96 -1.41 -1.19
CA GLU E 17 -16.03 -1.39 -1.25
C GLU E 17 -17.35 -2.06 -1.16
C GLU E 17 -17.42 -2.02 -1.16
N LEU E 18 -17.75 -2.52 0.04
CA LEU E 18 -18.97 -3.30 0.22
C LEU E 18 -20.22 -2.47 -0.12
N LEU E 19 -20.34 -1.25 0.41
CA LEU E 19 -21.42 -0.37 0.00
C LEU E 19 -21.39 0.00 -1.49
N SER E 20 -20.24 -0.05 -2.15
CA SER E 20 -20.23 0.33 -3.55
C SER E 20 -20.70 -0.85 -4.41
N PHE E 21 -20.91 -2.01 -3.77
CA PHE E 21 -21.49 -3.20 -4.39
C PHE E 21 -22.95 -2.96 -4.87
N LEU E 22 -23.71 -2.19 -4.10
CA LEU E 22 -25.03 -1.78 -4.49
C LEU E 22 -24.91 -0.73 -5.58
N PRO E 23 -25.67 -0.86 -6.70
CA PRO E 23 -25.60 0.10 -7.80
C PRO E 23 -25.97 1.50 -7.32
N SER E 24 -25.57 2.50 -8.11
CA SER E 24 -25.73 3.90 -7.71
C SER E 24 -27.19 4.36 -7.68
N ASP E 25 -28.08 3.67 -8.41
CA ASP E 25 -29.48 4.07 -8.53
C ASP E 25 -30.35 3.36 -7.49
N PHE E 26 -29.74 2.62 -6.56
CA PHE E 26 -30.50 1.87 -5.56
C PHE E 26 -30.83 2.75 -4.36
N PHE E 27 -29.95 3.72 -4.08
CA PHE E 27 -30.07 4.58 -2.92
C PHE E 27 -31.12 5.65 -3.17
N PRO E 28 -31.95 6.01 -2.17
CA PRO E 28 -32.89 7.11 -2.32
C PRO E 28 -32.12 8.41 -2.51
N SER E 29 -32.87 9.50 -2.73
CA SER E 29 -32.26 10.80 -2.87
C SER E 29 -31.73 11.26 -1.51
N VAL E 30 -30.93 12.34 -1.54
CA VAL E 30 -30.44 12.91 -0.29
C VAL E 30 -31.63 13.55 0.41
N ARG E 31 -32.40 14.38 -0.33
CA ARG E 31 -33.63 14.99 0.15
C ARG E 31 -34.44 13.94 0.91
N ASP E 32 -34.66 12.78 0.26
CA ASP E 32 -35.52 11.74 0.80
C ASP E 32 -34.94 11.11 2.07
N LEU E 33 -33.61 11.07 2.16
CA LEU E 33 -32.90 10.39 3.24
C LEU E 33 -32.83 11.31 4.43
N LEU E 34 -32.73 12.62 4.17
CA LEU E 34 -32.84 13.63 5.21
C LEU E 34 -34.25 13.59 5.80
N ASP E 35 -35.28 13.68 4.93
CA ASP E 35 -36.67 13.72 5.38
C ASP E 35 -37.00 12.51 6.26
N THR E 36 -36.47 11.33 5.91
CA THR E 36 -36.72 10.09 6.62
C THR E 36 -36.02 10.09 7.97
N ALA E 37 -34.80 10.65 8.03
CA ALA E 37 -34.03 10.73 9.26
C ALA E 37 -34.76 11.58 10.28
N ALA E 38 -35.20 12.75 9.81
CA ALA E 38 -36.12 13.64 10.53
C ALA E 38 -37.36 12.89 11.01
N ALA E 39 -38.08 12.24 10.09
CA ALA E 39 -39.36 11.62 10.44
C ALA E 39 -39.20 10.52 11.48
N LEU E 40 -38.08 9.83 11.47
CA LEU E 40 -37.92 8.67 12.33
C LEU E 40 -37.07 9.01 13.56
N TYR E 41 -36.19 10.04 13.45
CA TYR E 41 -35.08 10.14 14.39
C TYR E 41 -34.80 11.58 14.89
N ARG E 42 -35.57 12.59 14.45
CA ARG E 42 -35.31 13.97 14.86
C ARG E 42 -35.09 14.00 16.37
N ASP E 43 -36.00 13.40 17.15
N ASP E 43 -36.10 13.46 17.08
CA ASP E 43 -35.95 13.58 18.59
CA ASP E 43 -36.12 13.25 18.51
C ASP E 43 -34.68 12.94 19.17
C ASP E 43 -34.72 12.97 19.04
N ALA E 44 -34.15 11.86 18.57
CA ALA E 44 -32.89 11.30 19.04
C ALA E 44 -31.70 12.10 18.50
N LEU E 45 -31.83 12.57 17.25
CA LEU E 45 -30.74 13.25 16.57
C LEU E 45 -30.39 14.56 17.29
N GLU E 46 -31.43 15.26 17.78
CA GLU E 46 -31.34 16.55 18.45
C GLU E 46 -31.07 16.39 19.94
N SER E 47 -31.20 15.15 20.44
CA SER E 47 -30.92 14.73 21.79
C SER E 47 -29.56 15.24 22.28
N PRO E 48 -29.37 15.33 23.62
CA PRO E 48 -28.03 15.43 24.20
C PRO E 48 -27.39 14.09 24.55
N GLU E 49 -28.17 13.01 24.55
CA GLU E 49 -27.61 11.68 24.73
C GLU E 49 -26.84 11.29 23.47
N HIS E 50 -25.81 10.45 23.62
CA HIS E 50 -25.07 9.89 22.49
C HIS E 50 -26.00 8.98 21.67
N CYS E 51 -26.73 8.08 22.35
CA CYS E 51 -27.75 7.18 21.79
C CYS E 51 -27.08 5.92 21.23
N SER E 52 -26.20 6.12 20.25
CA SER E 52 -25.45 5.03 19.65
C SER E 52 -24.43 5.61 18.68
N PRO E 53 -23.35 4.84 18.36
CA PRO E 53 -22.37 5.25 17.36
C PRO E 53 -22.97 5.67 16.02
N HIS E 54 -24.03 4.96 15.60
CA HIS E 54 -24.78 5.27 14.37
C HIS E 54 -25.31 6.70 14.46
N HIS E 55 -25.99 7.00 15.57
CA HIS E 55 -26.53 8.33 15.79
C HIS E 55 -25.43 9.39 15.67
N THR E 56 -24.29 9.14 16.35
CA THR E 56 -23.19 10.09 16.36
C THR E 56 -22.71 10.34 14.94
N ALA E 57 -22.64 9.26 14.15
CA ALA E 57 -22.10 9.32 12.81
C ALA E 57 -23.05 10.00 11.84
N LEU E 58 -24.34 9.64 11.94
CA LEU E 58 -25.41 10.23 11.15
C LEU E 58 -25.51 11.75 11.38
N ARG E 59 -25.49 12.19 12.65
CA ARG E 59 -25.46 13.62 12.94
C ARG E 59 -24.41 14.34 12.10
N GLN E 60 -23.18 13.80 12.07
CA GLN E 60 -22.11 14.48 11.37
C GLN E 60 -22.36 14.46 9.85
N ALA E 61 -22.94 13.36 9.35
CA ALA E 61 -23.22 13.26 7.93
C ALA E 61 -24.17 14.36 7.50
N ILE E 62 -25.21 14.56 8.33
CA ILE E 62 -26.25 15.52 7.98
C ILE E 62 -25.62 16.89 7.95
N LEU E 63 -24.89 17.19 9.03
CA LEU E 63 -24.23 18.48 9.18
C LEU E 63 -23.27 18.74 8.02
N CYS E 64 -22.50 17.71 7.63
CA CYS E 64 -21.51 17.82 6.57
C CYS E 64 -22.18 18.11 5.23
N TRP E 65 -23.34 17.45 4.99
CA TRP E 65 -24.08 17.70 3.78
C TRP E 65 -24.52 19.16 3.74
N GLY E 66 -24.99 19.67 4.88
CA GLY E 66 -25.24 21.10 5.02
C GLY E 66 -24.12 21.97 4.43
N ASP E 67 -22.87 21.72 4.83
CA ASP E 67 -21.74 22.55 4.43
C ASP E 67 -21.49 22.44 2.92
N LEU E 68 -21.52 21.19 2.41
CA LEU E 68 -21.23 20.89 1.01
C LEU E 68 -22.20 21.59 0.07
N MET E 69 -23.47 21.70 0.50
CA MET E 69 -24.53 22.34 -0.27
C MET E 69 -24.35 23.85 -0.22
N THR E 70 -24.13 24.38 0.98
CA THR E 70 -23.84 25.80 1.09
C THR E 70 -22.76 26.17 0.07
N LEU E 71 -21.82 25.24 -0.18
CA LEU E 71 -20.73 25.47 -1.11
C LEU E 71 -21.24 25.44 -2.54
N ALA E 72 -22.08 24.46 -2.87
CA ALA E 72 -22.60 24.35 -4.22
C ALA E 72 -23.52 25.55 -4.52
N THR E 73 -24.35 25.96 -3.55
CA THR E 73 -25.24 27.10 -3.73
C THR E 73 -24.39 28.32 -4.10
N TRP E 74 -23.33 28.55 -3.31
CA TRP E 74 -22.48 29.71 -3.48
C TRP E 74 -21.79 29.69 -4.84
N VAL E 75 -21.52 28.48 -5.37
CA VAL E 75 -20.90 28.33 -6.67
C VAL E 75 -21.88 28.77 -7.78
N GLY E 76 -23.11 28.24 -7.78
CA GLY E 76 -24.16 28.75 -8.63
C GLY E 76 -24.66 30.11 -8.13
N ARG E 85 -22.91 25.72 -13.97
CA ARG E 85 -24.04 25.23 -13.15
C ARG E 85 -24.49 23.86 -13.66
N ASP E 86 -24.39 23.64 -14.99
CA ASP E 86 -24.89 22.41 -15.61
C ASP E 86 -23.89 21.28 -15.42
N LEU E 87 -22.60 21.60 -15.52
CA LEU E 87 -21.55 20.62 -15.31
C LEU E 87 -21.32 20.40 -13.81
N VAL E 88 -21.43 21.49 -13.03
CA VAL E 88 -21.08 21.46 -11.62
C VAL E 88 -22.04 20.54 -10.86
N VAL E 89 -23.35 20.74 -11.09
CA VAL E 89 -24.37 19.98 -10.40
C VAL E 89 -24.30 18.52 -10.86
N SER E 90 -23.80 18.29 -12.09
CA SER E 90 -23.62 16.93 -12.58
C SER E 90 -22.59 16.19 -11.72
N TYR E 91 -21.41 16.78 -11.50
CA TYR E 91 -20.36 16.15 -10.69
C TYR E 91 -20.88 15.75 -9.31
N VAL E 92 -21.62 16.66 -8.66
CA VAL E 92 -22.03 16.48 -7.27
C VAL E 92 -22.87 15.20 -7.17
N ASN E 93 -23.92 15.10 -7.98
CA ASN E 93 -24.77 13.91 -7.99
C ASN E 93 -23.91 12.67 -8.27
N THR E 94 -22.94 12.82 -9.18
CA THR E 94 -22.10 11.73 -9.64
C THR E 94 -21.24 11.19 -8.49
N ASN E 95 -20.65 12.09 -7.70
CA ASN E 95 -19.56 11.72 -6.81
C ASN E 95 -19.95 11.88 -5.35
N VAL E 96 -20.05 13.15 -4.89
CA VAL E 96 -20.28 13.44 -3.47
C VAL E 96 -21.66 12.92 -3.07
N GLY E 97 -22.65 13.23 -3.93
CA GLY E 97 -24.03 12.86 -3.70
C GLY E 97 -24.18 11.37 -3.48
N LEU E 98 -23.62 10.58 -4.41
CA LEU E 98 -23.62 9.13 -4.27
C LEU E 98 -22.98 8.76 -2.93
N LYS E 99 -21.90 9.48 -2.55
CA LYS E 99 -21.20 9.17 -1.32
C LYS E 99 -22.19 9.27 -0.16
N PHE E 100 -22.97 10.36 -0.11
CA PHE E 100 -23.82 10.67 1.05
C PHE E 100 -25.11 9.85 1.04
N ARG E 101 -25.66 9.60 -0.15
CA ARG E 101 -26.78 8.69 -0.29
C ARG E 101 -26.45 7.33 0.33
N GLN E 102 -25.24 6.82 0.08
CA GLN E 102 -24.83 5.56 0.67
C GLN E 102 -24.79 5.69 2.18
N LEU E 103 -24.13 6.77 2.61
CA LEU E 103 -23.72 6.88 3.99
C LEU E 103 -24.97 7.10 4.83
N LEU E 104 -25.79 8.09 4.44
CA LEU E 104 -27.08 8.35 5.08
C LEU E 104 -27.94 7.08 5.08
N TRP E 105 -28.04 6.44 3.90
CA TRP E 105 -28.77 5.20 3.76
C TRP E 105 -28.22 4.15 4.70
N PHE E 106 -26.89 4.04 4.82
CA PHE E 106 -26.31 2.96 5.59
C PHE E 106 -26.77 3.08 7.03
N HIS E 107 -26.64 4.31 7.56
CA HIS E 107 -26.87 4.58 8.97
C HIS E 107 -28.35 4.60 9.32
N ILE E 108 -29.21 5.23 8.50
CA ILE E 108 -30.64 5.16 8.79
C ILE E 108 -31.07 3.69 8.81
N SER E 109 -30.76 2.93 7.72
CA SER E 109 -31.14 1.52 7.57
C SER E 109 -30.69 0.67 8.76
N CYS E 110 -29.42 0.80 9.11
CA CYS E 110 -28.89 0.10 10.27
C CYS E 110 -29.77 0.35 11.50
N LEU E 111 -30.12 1.62 11.74
CA LEU E 111 -30.87 2.02 12.93
C LEU E 111 -32.30 1.50 12.85
N THR E 112 -32.82 1.37 11.62
CA THR E 112 -34.22 0.99 11.44
C THR E 112 -34.37 -0.52 11.40
N PHE E 113 -33.44 -1.27 10.78
CA PHE E 113 -33.65 -2.69 10.58
C PHE E 113 -32.56 -3.54 11.23
N GLY E 114 -31.46 -2.91 11.67
CA GLY E 114 -30.39 -3.62 12.37
C GLY E 114 -29.19 -3.90 11.46
N ARG E 115 -27.97 -3.63 11.94
CA ARG E 115 -26.76 -3.75 11.15
C ARG E 115 -26.81 -5.05 10.34
N GLU E 116 -26.89 -6.18 11.04
CA GLU E 116 -26.69 -7.50 10.46
C GLU E 116 -27.65 -7.76 9.30
N THR E 117 -28.89 -7.29 9.42
CA THR E 117 -29.92 -7.45 8.39
C THR E 117 -29.58 -6.59 7.17
N VAL E 118 -29.04 -5.39 7.41
CA VAL E 118 -28.66 -4.51 6.32
C VAL E 118 -27.53 -5.18 5.53
N LEU E 119 -26.78 -6.09 6.17
CA LEU E 119 -25.56 -6.55 5.55
C LEU E 119 -25.82 -7.82 4.75
N GLU E 120 -26.54 -8.79 5.35
CA GLU E 120 -27.22 -9.83 4.59
C GLU E 120 -27.86 -9.21 3.33
N TYR E 121 -28.78 -8.27 3.51
CA TYR E 121 -29.62 -7.79 2.42
C TYR E 121 -28.74 -7.27 1.28
N LEU E 122 -27.69 -6.54 1.64
CA LEU E 122 -26.87 -5.80 0.69
C LEU E 122 -26.15 -6.77 -0.24
N VAL E 123 -25.74 -7.93 0.28
CA VAL E 123 -25.03 -8.88 -0.56
C VAL E 123 -26.05 -9.57 -1.47
N SER E 124 -27.16 -10.06 -0.90
CA SER E 124 -28.27 -10.61 -1.67
C SER E 124 -28.65 -9.70 -2.84
N PHE E 125 -28.68 -8.41 -2.57
CA PHE E 125 -29.19 -7.48 -3.56
C PHE E 125 -28.15 -7.36 -4.69
N GLY E 126 -26.87 -7.15 -4.33
CA GLY E 126 -25.81 -7.05 -5.33
C GLY E 126 -25.69 -8.30 -6.20
N VAL E 127 -25.77 -9.47 -5.57
CA VAL E 127 -25.72 -10.71 -6.33
C VAL E 127 -26.88 -10.68 -7.31
N TRP E 128 -28.08 -10.45 -6.75
CA TRP E 128 -29.34 -10.66 -7.45
C TRP E 128 -29.47 -9.69 -8.61
N ILE E 129 -29.09 -8.43 -8.38
CA ILE E 129 -29.38 -7.41 -9.38
C ILE E 129 -28.48 -7.65 -10.57
N ARG E 130 -27.36 -8.36 -10.33
CA ARG E 130 -26.29 -8.51 -11.31
C ARG E 130 -26.52 -9.74 -12.18
N THR E 131 -27.36 -10.67 -11.69
CA THR E 131 -27.98 -11.69 -12.51
C THR E 131 -28.62 -10.97 -13.69
N PRO E 132 -28.43 -11.33 -14.98
CA PRO E 132 -29.04 -10.56 -16.07
C PRO E 132 -30.56 -10.66 -15.94
N PRO E 133 -31.32 -9.73 -16.57
CA PRO E 133 -32.78 -9.71 -16.39
C PRO E 133 -33.43 -11.00 -16.90
N ALA E 134 -33.04 -11.42 -18.11
CA ALA E 134 -33.35 -12.73 -18.64
C ALA E 134 -33.69 -13.69 -17.49
N ALA E 135 -32.67 -14.07 -16.71
CA ALA E 135 -32.66 -15.29 -15.92
C ALA E 135 -33.03 -15.06 -14.45
N ARG E 136 -33.23 -13.80 -14.06
CA ARG E 136 -33.24 -13.39 -12.66
C ARG E 136 -34.61 -13.65 -12.06
N PRO E 137 -34.72 -14.25 -10.84
CA PRO E 137 -35.99 -14.34 -10.12
C PRO E 137 -36.83 -13.06 -10.01
N PRO E 138 -38.05 -13.11 -9.39
CA PRO E 138 -39.08 -12.09 -9.63
C PRO E 138 -38.96 -10.68 -9.03
N ASN E 139 -38.59 -10.57 -7.75
CA ASN E 139 -38.11 -9.33 -7.13
C ASN E 139 -37.39 -9.63 -5.82
N ALA E 140 -36.51 -8.70 -5.39
CA ALA E 140 -35.69 -8.83 -4.19
C ALA E 140 -34.62 -9.90 -4.41
N SER F 3 -37.19 22.50 9.49
CA SER F 3 -36.05 21.57 9.28
C SER F 3 -35.71 20.82 10.57
N MET F 4 -34.49 20.25 10.60
CA MET F 4 -33.95 19.57 11.77
C MET F 4 -32.88 20.47 12.37
N ASP F 5 -32.64 20.34 13.68
CA ASP F 5 -31.75 21.28 14.36
C ASP F 5 -30.73 20.57 15.24
N ILE F 6 -29.59 20.24 14.62
CA ILE F 6 -28.59 19.39 15.22
C ILE F 6 -27.39 20.25 15.62
N ASP F 7 -26.90 20.00 16.83
CA ASP F 7 -25.68 20.61 17.32
C ASP F 7 -24.59 19.54 17.44
N PRO F 8 -23.50 19.65 16.67
CA PRO F 8 -22.35 18.76 16.81
C PRO F 8 -21.78 18.61 18.23
N TYR F 9 -21.90 19.65 19.06
CA TYR F 9 -21.32 19.60 20.39
C TYR F 9 -22.34 19.10 21.42
N LYS F 10 -23.63 19.10 21.09
CA LYS F 10 -24.65 18.81 22.09
C LYS F 10 -24.37 17.51 22.82
N GLU F 11 -24.25 16.39 22.11
CA GLU F 11 -24.08 15.11 22.80
C GLU F 11 -22.78 15.08 23.59
N PHE F 12 -21.87 16.03 23.31
CA PHE F 12 -20.57 16.09 23.95
C PHE F 12 -20.56 17.15 25.05
N GLY F 13 -21.75 17.58 25.48
CA GLY F 13 -21.90 18.50 26.60
C GLY F 13 -21.29 19.86 26.29
N ALA F 14 -21.46 20.31 25.04
CA ALA F 14 -21.10 21.65 24.65
C ALA F 14 -22.06 22.13 23.56
N THR F 15 -21.86 23.35 23.05
CA THR F 15 -22.73 23.96 22.06
C THR F 15 -21.88 24.80 21.12
N VAL F 16 -22.39 25.02 19.91
CA VAL F 16 -21.74 25.88 18.95
C VAL F 16 -21.48 27.25 19.58
N GLU F 17 -22.46 27.75 20.34
N GLU F 17 -22.46 27.77 20.34
CA GLU F 17 -22.39 29.05 20.98
CA GLU F 17 -22.33 29.08 20.97
C GLU F 17 -21.12 29.10 21.85
C GLU F 17 -21.05 29.08 21.80
N LEU F 18 -20.92 28.05 22.65
CA LEU F 18 -19.86 27.97 23.63
C LEU F 18 -18.48 27.97 22.96
N LEU F 19 -18.30 27.17 21.90
CA LEU F 19 -17.04 27.15 21.21
C LEU F 19 -16.78 28.47 20.50
N SER F 20 -17.83 29.21 20.13
CA SER F 20 -17.65 30.47 19.42
C SER F 20 -17.19 31.53 20.41
N PHE F 21 -17.19 31.16 21.70
CA PHE F 21 -16.71 32.03 22.76
C PHE F 21 -15.21 32.30 22.61
N LEU F 22 -14.46 31.26 22.24
CA LEU F 22 -13.05 31.39 21.94
C LEU F 22 -12.91 32.14 20.63
N PRO F 23 -11.99 33.11 20.50
CA PRO F 23 -11.88 33.90 19.27
C PRO F 23 -11.33 33.05 18.14
N SER F 24 -11.50 33.52 16.91
CA SER F 24 -11.22 32.68 15.75
C SER F 24 -9.74 32.31 15.62
N ASP F 25 -8.85 33.11 16.22
CA ASP F 25 -7.40 32.98 16.00
C ASP F 25 -6.79 32.15 17.11
N PHE F 26 -7.61 31.56 17.98
CA PHE F 26 -7.06 30.73 19.02
C PHE F 26 -6.78 29.34 18.46
N PHE F 27 -7.59 28.93 17.48
CA PHE F 27 -7.60 27.56 17.00
C PHE F 27 -6.39 27.37 16.10
N PRO F 28 -5.68 26.21 16.17
CA PRO F 28 -4.62 25.88 15.23
C PRO F 28 -5.22 25.84 13.83
N SER F 29 -4.35 25.63 12.83
CA SER F 29 -4.77 25.50 11.44
C SER F 29 -5.45 24.15 11.21
N VAL F 30 -6.00 23.95 10.02
CA VAL F 30 -6.61 22.67 9.71
C VAL F 30 -5.48 21.65 9.48
N ARG F 31 -4.47 22.04 8.67
CA ARG F 31 -3.29 21.24 8.45
C ARG F 31 -2.77 20.74 9.81
N ASP F 32 -2.59 21.66 10.76
CA ASP F 32 -1.93 21.31 12.02
C ASP F 32 -2.75 20.28 12.79
N LEU F 33 -4.08 20.44 12.69
CA LEU F 33 -5.03 19.70 13.51
C LEU F 33 -5.16 18.30 12.92
N LEU F 34 -5.06 18.21 11.60
CA LEU F 34 -5.07 16.94 10.89
C LEU F 34 -3.78 16.19 11.19
N ASP F 35 -2.64 16.87 11.11
CA ASP F 35 -1.37 16.21 11.40
C ASP F 35 -1.39 15.68 12.82
N THR F 36 -1.96 16.47 13.74
CA THR F 36 -1.95 16.09 15.14
C THR F 36 -2.85 14.90 15.39
N ALA F 37 -4.03 14.88 14.77
CA ALA F 37 -4.92 13.73 14.90
C ALA F 37 -4.20 12.48 14.45
N ALA F 38 -3.53 12.59 13.29
CA ALA F 38 -2.66 11.53 12.75
C ALA F 38 -1.58 11.11 13.74
N ALA F 39 -0.74 12.05 14.19
CA ALA F 39 0.38 11.71 15.04
C ALA F 39 -0.08 10.99 16.30
N LEU F 40 -1.17 11.44 16.87
CA LEU F 40 -1.57 10.95 18.17
C LEU F 40 -2.50 9.75 18.06
N TYR F 41 -3.29 9.65 16.95
CA TYR F 41 -4.49 8.83 16.94
C TYR F 41 -4.72 8.00 15.67
N ARG F 42 -3.79 8.03 14.69
CA ARG F 42 -3.97 7.33 13.42
C ARG F 42 -4.35 5.87 13.68
N ASP F 43 -3.63 5.17 14.57
N ASP F 43 -3.56 5.25 14.58
CA ASP F 43 -3.96 3.77 14.81
CA ASP F 43 -3.73 3.93 15.15
C ASP F 43 -5.40 3.61 15.29
C ASP F 43 -5.20 3.61 15.44
N ALA F 44 -5.88 4.53 16.15
CA ALA F 44 -7.24 4.41 16.65
C ALA F 44 -8.29 4.80 15.61
N LEU F 45 -7.96 5.83 14.83
CA LEU F 45 -8.91 6.39 13.89
C LEU F 45 -9.13 5.41 12.75
N GLU F 46 -8.06 4.73 12.33
CA GLU F 46 -8.07 3.74 11.27
C GLU F 46 -8.60 2.38 11.75
N SER F 47 -8.71 2.20 13.07
CA SER F 47 -9.18 0.99 13.76
C SER F 47 -10.56 0.55 13.30
N PRO F 48 -10.94 -0.74 13.53
CA PRO F 48 -12.34 -1.17 13.48
C PRO F 48 -13.09 -1.14 14.81
N GLU F 49 -12.44 -0.73 15.89
CA GLU F 49 -13.16 -0.50 17.15
C GLU F 49 -13.84 0.86 17.11
N HIS F 50 -15.01 0.97 17.75
CA HIS F 50 -15.65 2.27 17.89
C HIS F 50 -14.74 3.21 18.65
N CYS F 51 -14.19 2.73 19.79
CA CYS F 51 -13.19 3.38 20.63
C CYS F 51 -13.88 4.33 21.60
N SER F 52 -14.56 5.33 21.03
CA SER F 52 -15.33 6.31 21.77
C SER F 52 -16.17 7.14 20.80
N PRO F 53 -17.28 7.72 21.28
CA PRO F 53 -18.02 8.71 20.50
C PRO F 53 -17.16 9.82 19.88
N HIS F 54 -16.18 10.31 20.67
CA HIS F 54 -15.25 11.31 20.17
C HIS F 54 -14.52 10.81 18.94
N HIS F 55 -14.04 9.55 19.01
CA HIS F 55 -13.37 8.94 17.87
C HIS F 55 -14.29 8.92 16.65
N THR F 56 -15.56 8.51 16.89
CA THR F 56 -16.53 8.38 15.82
C THR F 56 -16.70 9.72 15.12
N ALA F 57 -16.83 10.77 15.94
CA ALA F 57 -17.09 12.10 15.43
C ALA F 57 -15.93 12.54 14.56
N LEU F 58 -14.72 12.48 15.16
CA LEU F 58 -13.51 13.01 14.55
C LEU F 58 -13.21 12.29 13.22
N ARG F 59 -13.40 10.96 13.16
CA ARG F 59 -13.40 10.27 11.86
C ARG F 59 -14.21 11.04 10.80
N GLN F 60 -15.46 11.40 11.16
CA GLN F 60 -16.39 11.97 10.20
C GLN F 60 -15.96 13.39 9.84
N ALA F 61 -15.46 14.14 10.83
CA ALA F 61 -15.00 15.50 10.58
C ALA F 61 -13.87 15.45 9.57
N ILE F 62 -12.90 14.52 9.79
CA ILE F 62 -11.72 14.49 8.93
C ILE F 62 -12.20 14.19 7.53
N LEU F 63 -12.88 13.05 7.39
CA LEU F 63 -13.43 12.63 6.11
C LEU F 63 -14.19 13.77 5.44
N CYS F 64 -15.04 14.48 6.23
CA CYS F 64 -15.85 15.58 5.74
C CYS F 64 -14.97 16.71 5.19
N TRP F 65 -13.91 17.07 5.93
CA TRP F 65 -12.97 18.07 5.44
C TRP F 65 -12.41 17.60 4.10
N GLY F 66 -12.15 16.29 4.00
CA GLY F 66 -11.78 15.68 2.73
C GLY F 66 -12.69 16.17 1.60
N ASP F 67 -13.98 15.86 1.75
CA ASP F 67 -14.97 16.08 0.71
C ASP F 67 -15.03 17.56 0.29
N LEU F 68 -14.99 18.47 1.26
CA LEU F 68 -15.03 19.91 1.01
C LEU F 68 -13.86 20.32 0.12
N MET F 69 -12.67 19.78 0.41
CA MET F 69 -11.47 20.17 -0.32
C MET F 69 -11.52 19.57 -1.72
N THR F 70 -11.83 18.26 -1.82
CA THR F 70 -12.00 17.61 -3.11
C THR F 70 -12.97 18.41 -4.00
N LEU F 71 -13.89 19.18 -3.41
CA LEU F 71 -14.83 20.02 -4.15
C LEU F 71 -14.20 21.35 -4.54
N ALA F 72 -13.50 22.03 -3.63
CA ALA F 72 -12.77 23.24 -3.99
C ALA F 72 -11.60 22.96 -4.92
N THR F 73 -11.09 21.71 -4.94
CA THR F 73 -10.06 21.28 -5.88
C THR F 73 -10.65 21.15 -7.28
N TRP F 74 -11.79 20.45 -7.36
CA TRP F 74 -12.44 20.16 -8.63
C TRP F 74 -12.99 21.43 -9.29
N VAL F 75 -13.27 22.49 -8.51
CA VAL F 75 -13.76 23.76 -9.05
C VAL F 75 -12.63 24.54 -9.72
N GLY F 76 -11.42 24.52 -9.12
CA GLY F 76 -10.24 25.17 -9.67
C GLY F 76 -9.67 24.41 -10.86
N THR F 77 -9.66 23.06 -10.77
CA THR F 77 -9.14 22.17 -11.81
C THR F 77 -10.18 21.94 -12.91
N ASN F 78 -11.17 22.85 -13.03
CA ASN F 78 -12.16 22.82 -14.09
C ASN F 78 -12.57 24.24 -14.47
N LEU F 79 -12.78 25.08 -13.44
CA LEU F 79 -13.19 26.47 -13.60
C LEU F 79 -12.28 27.37 -12.74
N VAL F 92 -14.37 29.03 1.86
CA VAL F 92 -13.41 27.88 1.86
C VAL F 92 -12.53 27.96 3.10
N ASN F 93 -12.06 29.18 3.42
CA ASN F 93 -11.54 29.56 4.73
C ASN F 93 -12.44 30.63 5.33
N THR F 94 -13.11 31.41 4.46
CA THR F 94 -14.01 32.48 4.87
C THR F 94 -15.07 31.95 5.84
N ASN F 95 -15.62 30.77 5.56
CA ASN F 95 -16.72 30.20 6.33
C ASN F 95 -16.27 28.93 7.06
N VAL F 96 -15.98 27.90 6.27
CA VAL F 96 -15.99 26.53 6.77
C VAL F 96 -14.78 26.27 7.65
N GLY F 97 -13.62 26.85 7.29
CA GLY F 97 -12.37 26.60 7.98
C GLY F 97 -12.50 26.77 9.51
N LEU F 98 -12.98 27.93 9.95
CA LEU F 98 -13.17 28.17 11.37
C LEU F 98 -14.02 27.05 11.95
N LYS F 99 -15.06 26.63 11.22
CA LYS F 99 -16.00 25.64 11.68
C LYS F 99 -15.21 24.37 12.01
N PHE F 100 -14.34 23.94 11.09
CA PHE F 100 -13.61 22.67 11.23
C PHE F 100 -12.47 22.81 12.24
N ARG F 101 -11.77 23.95 12.22
CA ARG F 101 -10.78 24.23 13.24
C ARG F 101 -11.37 23.93 14.62
N GLN F 102 -12.55 24.53 14.89
CA GLN F 102 -13.20 24.42 16.19
C GLN F 102 -13.48 22.96 16.54
N LEU F 103 -14.07 22.27 15.56
CA LEU F 103 -14.56 20.92 15.77
C LEU F 103 -13.41 19.89 15.86
N LEU F 104 -12.42 19.98 14.96
CA LEU F 104 -11.26 19.10 15.05
C LEU F 104 -10.56 19.32 16.39
N TRP F 105 -10.39 20.62 16.73
CA TRP F 105 -9.79 21.00 17.99
C TRP F 105 -10.61 20.44 19.14
N PHE F 106 -11.92 20.63 19.10
CA PHE F 106 -12.71 20.24 20.24
C PHE F 106 -12.39 18.76 20.56
N HIS F 107 -12.45 17.94 19.52
CA HIS F 107 -12.42 16.49 19.68
C HIS F 107 -11.00 16.02 19.97
N ILE F 108 -10.00 16.54 19.26
CA ILE F 108 -8.63 16.15 19.55
C ILE F 108 -8.31 16.46 21.01
N SER F 109 -8.55 17.72 21.44
CA SER F 109 -8.31 18.19 22.83
C SER F 109 -9.07 17.35 23.85
N CYS F 110 -10.30 16.96 23.54
CA CYS F 110 -11.10 16.18 24.46
C CYS F 110 -10.47 14.81 24.66
N LEU F 111 -10.08 14.18 23.55
CA LEU F 111 -9.36 12.90 23.59
C LEU F 111 -8.04 13.06 24.35
N THR F 112 -7.33 14.17 24.11
CA THR F 112 -6.01 14.37 24.69
C THR F 112 -6.05 14.67 26.19
N PHE F 113 -6.84 15.66 26.62
CA PHE F 113 -6.71 16.18 27.97
C PHE F 113 -7.94 15.89 28.83
N GLY F 114 -9.05 15.47 28.19
CA GLY F 114 -10.29 15.21 28.92
C GLY F 114 -11.35 16.29 28.65
N ARG F 115 -12.59 15.85 28.40
CA ARG F 115 -13.69 16.73 28.07
C ARG F 115 -13.85 17.81 29.16
N GLU F 116 -13.84 17.40 30.44
CA GLU F 116 -14.05 18.34 31.53
C GLU F 116 -13.00 19.45 31.54
N THR F 117 -11.72 19.06 31.40
CA THR F 117 -10.56 19.96 31.35
C THR F 117 -10.68 20.96 30.20
N VAL F 118 -11.10 20.46 29.04
CA VAL F 118 -11.27 21.27 27.84
C VAL F 118 -12.36 22.31 28.10
N LEU F 119 -13.36 21.98 28.93
CA LEU F 119 -14.49 22.88 29.07
C LEU F 119 -14.25 23.93 30.14
N GLU F 120 -13.62 23.53 31.27
CA GLU F 120 -12.98 24.47 32.18
C GLU F 120 -12.13 25.44 31.36
N TYR F 121 -11.17 24.88 30.62
CA TYR F 121 -10.14 25.69 29.98
C TYR F 121 -10.81 26.73 29.06
N LEU F 122 -11.81 26.29 28.30
CA LEU F 122 -12.44 27.14 27.31
C LEU F 122 -13.05 28.38 27.97
N VAL F 123 -13.58 28.26 29.19
CA VAL F 123 -14.28 29.40 29.75
C VAL F 123 -13.25 30.40 30.29
N SER F 124 -12.40 29.90 31.20
CA SER F 124 -11.16 30.55 31.60
C SER F 124 -10.60 31.44 30.49
N PHE F 125 -10.41 30.80 29.33
CA PHE F 125 -9.67 31.41 28.24
C PHE F 125 -10.52 32.57 27.69
N GLY F 126 -11.81 32.28 27.44
CA GLY F 126 -12.78 33.26 26.98
C GLY F 126 -12.81 34.48 27.89
N VAL F 127 -13.04 34.26 29.18
CA VAL F 127 -13.01 35.33 30.15
C VAL F 127 -11.72 36.14 30.02
N TRP F 128 -10.59 35.38 30.08
CA TRP F 128 -9.26 35.94 30.23
C TRP F 128 -8.88 36.78 29.00
N ILE F 129 -9.23 36.33 27.80
CA ILE F 129 -8.76 37.03 26.62
C ILE F 129 -9.65 38.21 26.35
N ARG F 130 -10.73 38.34 27.13
CA ARG F 130 -11.63 39.46 26.97
C ARG F 130 -11.31 40.56 27.96
N THR F 131 -10.64 40.20 29.06
CA THR F 131 -10.03 41.19 29.93
C THR F 131 -9.17 42.09 29.06
N PRO F 132 -9.21 43.44 29.12
CA PRO F 132 -8.38 44.24 28.22
C PRO F 132 -6.91 43.99 28.54
N PRO F 133 -6.02 44.17 27.55
CA PRO F 133 -4.64 43.75 27.72
C PRO F 133 -4.08 44.42 28.98
N ALA F 134 -4.16 45.78 29.01
CA ALA F 134 -3.93 46.60 30.19
C ALA F 134 -3.85 45.76 31.47
N ALA F 135 -4.98 45.19 31.89
CA ALA F 135 -5.15 44.73 33.26
C ALA F 135 -5.07 43.22 33.38
N ARG F 136 -4.79 42.51 32.28
CA ARG F 136 -5.00 41.08 32.27
C ARG F 136 -3.75 40.35 32.80
N PRO F 137 -3.87 39.39 33.74
CA PRO F 137 -2.73 38.65 34.27
C PRO F 137 -1.83 37.95 33.23
N PRO F 138 -0.84 37.08 33.62
CA PRO F 138 0.19 36.63 32.68
C PRO F 138 -0.14 35.60 31.58
N ASN F 139 -0.82 34.48 31.94
CA ASN F 139 -0.90 33.32 31.06
C ASN F 139 -2.34 32.91 30.69
N ALA F 140 -2.59 32.66 29.39
CA ALA F 140 -1.57 32.48 28.37
C ALA F 140 -1.54 33.68 27.42
#